data_2D0J
#
_entry.id   2D0J
#
_cell.length_a   110.402
_cell.length_b   122.591
_cell.length_c   92.985
_cell.angle_alpha   90.00
_cell.angle_beta   108.20
_cell.angle_gamma   90.00
#
_symmetry.space_group_name_H-M   'C 1 2 1'
#
loop_
_entity.id
_entity.type
_entity.pdbx_description
1 polymer 'Galactosylgalactosylxylosylprotein 3-beta-glucuronosyltransferase 2'
2 water water
#
_entity_poly.entity_id   1
_entity_poly.type   'polypeptide(L)'
_entity_poly.pdbx_seq_one_letter_code
;QLPTIYAITPTYSRPVQKAELTRLANTFRQVAQLHWILVEDAAARSELVSRFLARAGLPSTHLHVPTPRRYKRPGLPRAT
EQRNAGLAWLRQRHQHQRAQPGVLFFADDDNTYSLELFQEMRTTRKVSVWPVGLVGGRRYERPLVENGKVVGWYTGWRAD
RPFAIDMAGFAVSLQVILSNPKAVFKRRGSQPGMQESDFLKQITTVEELEPKANNCTKVLVWHTRTEKVNLANEPKYHLD
TVKIEV
;
_entity_poly.pdbx_strand_id   A,B,C,D
#
# COMPACT_ATOMS: atom_id res chain seq x y z
N GLN A 1 25.40 -14.76 2.28
CA GLN A 1 24.60 -14.08 3.35
C GLN A 1 23.69 -15.08 4.06
N LEU A 2 22.75 -14.57 4.83
CA LEU A 2 21.82 -15.42 5.55
C LEU A 2 20.91 -16.14 4.58
N PRO A 3 20.74 -17.46 4.75
CA PRO A 3 19.86 -18.21 3.86
C PRO A 3 18.43 -17.70 4.00
N THR A 4 17.70 -17.69 2.90
CA THR A 4 16.31 -17.22 2.90
C THR A 4 15.36 -18.22 3.54
N ILE A 5 14.52 -17.72 4.44
CA ILE A 5 13.52 -18.52 5.13
C ILE A 5 12.18 -18.29 4.43
N TYR A 6 11.61 -19.34 3.86
CA TYR A 6 10.32 -19.26 3.18
C TYR A 6 9.21 -19.72 4.10
N ALA A 7 8.20 -18.89 4.28
CA ALA A 7 7.06 -19.24 5.12
C ALA A 7 5.87 -19.53 4.22
N ILE A 8 5.37 -20.76 4.26
CA ILE A 8 4.21 -21.12 3.45
C ILE A 8 3.00 -20.99 4.35
N THR A 9 2.10 -20.09 3.99
CA THR A 9 0.92 -19.83 4.79
C THR A 9 -0.40 -19.94 4.03
N PRO A 10 -1.20 -20.96 4.32
CA PRO A 10 -2.48 -21.09 3.62
C PRO A 10 -3.42 -20.17 4.40
N THR A 11 -4.40 -19.59 3.71
CA THR A 11 -5.33 -18.72 4.38
C THR A 11 -6.66 -18.80 3.65
N TYR A 12 -7.72 -18.37 4.30
CA TYR A 12 -9.03 -18.40 3.66
C TYR A 12 -9.88 -17.29 4.24
N SER A 13 -10.80 -16.77 3.44
CA SER A 13 -11.67 -15.69 3.86
C SER A 13 -12.63 -16.08 4.97
N ARG A 14 -12.65 -15.24 6.00
CA ARG A 14 -13.51 -15.42 7.16
C ARG A 14 -13.38 -14.11 7.91
N PRO A 15 -14.33 -13.80 8.80
CA PRO A 15 -14.29 -12.54 9.55
C PRO A 15 -12.94 -12.15 10.19
N VAL A 16 -12.30 -13.08 10.88
CA VAL A 16 -11.02 -12.78 11.55
C VAL A 16 -9.80 -12.80 10.61
N GLN A 17 -9.99 -13.15 9.34
CA GLN A 17 -8.83 -13.25 8.45
C GLN A 17 -7.84 -12.10 8.43
N LYS A 18 -8.31 -10.88 8.15
CA LYS A 18 -7.40 -9.74 8.07
C LYS A 18 -6.68 -9.49 9.41
N ALA A 19 -7.38 -9.66 10.52
CA ALA A 19 -6.72 -9.47 11.82
C ALA A 19 -5.59 -10.49 11.97
N GLU A 20 -5.85 -11.76 11.70
CA GLU A 20 -4.83 -12.80 11.83
C GLU A 20 -3.59 -12.52 10.96
N LEU A 21 -3.84 -12.13 9.70
CA LEU A 21 -2.74 -11.81 8.79
C LEU A 21 -1.98 -10.61 9.29
N THR A 22 -2.70 -9.65 9.85
CA THR A 22 -2.06 -8.43 10.35
C THR A 22 -1.05 -8.75 11.46
N ARG A 23 -1.46 -9.51 12.47
CA ARG A 23 -0.50 -9.80 13.54
C ARG A 23 0.57 -10.81 13.15
N LEU A 24 0.27 -11.70 12.21
CA LEU A 24 1.28 -12.65 11.78
C LEU A 24 2.32 -11.87 10.98
N ALA A 25 1.86 -10.93 10.16
CA ALA A 25 2.77 -10.11 9.37
C ALA A 25 3.63 -9.23 10.29
N ASN A 26 3.05 -8.79 11.40
CA ASN A 26 3.78 -7.95 12.35
C ASN A 26 4.97 -8.74 12.94
N THR A 27 4.85 -10.06 12.99
CA THR A 27 5.93 -10.90 13.50
C THR A 27 6.93 -11.20 12.37
N PHE A 28 6.44 -11.69 11.24
CA PHE A 28 7.29 -12.02 10.09
C PHE A 28 8.09 -10.85 9.55
N ARG A 29 7.50 -9.66 9.60
CA ARG A 29 8.14 -8.44 9.09
C ARG A 29 9.49 -8.16 9.71
N GLN A 30 9.69 -8.66 10.93
CA GLN A 30 10.93 -8.43 11.67
C GLN A 30 12.02 -9.49 11.41
N VAL A 31 11.67 -10.56 10.70
CA VAL A 31 12.63 -11.62 10.41
C VAL A 31 13.47 -11.28 9.19
N ALA A 32 14.80 -11.29 9.35
CA ALA A 32 15.68 -10.98 8.23
C ALA A 32 15.62 -12.09 7.19
N GLN A 33 15.65 -11.68 5.92
CA GLN A 33 15.62 -12.60 4.78
C GLN A 33 14.50 -13.64 4.82
N LEU A 34 13.28 -13.18 5.05
CA LEU A 34 12.13 -14.09 5.09
C LEU A 34 11.28 -13.75 3.88
N HIS A 35 10.75 -14.77 3.22
CA HIS A 35 9.88 -14.53 2.08
C HIS A 35 8.57 -15.24 2.40
N TRP A 36 7.48 -14.49 2.34
CA TRP A 36 6.17 -15.01 2.67
C TRP A 36 5.36 -15.49 1.47
N ILE A 37 5.10 -16.79 1.43
CA ILE A 37 4.30 -17.35 0.36
C ILE A 37 2.92 -17.52 0.98
N LEU A 38 2.03 -16.58 0.69
CA LEU A 38 0.66 -16.60 1.22
C LEU A 38 -0.28 -17.17 0.16
N VAL A 39 -0.90 -18.30 0.49
CA VAL A 39 -1.77 -19.01 -0.45
C VAL A 39 -3.25 -19.04 -0.07
N GLU A 40 -4.05 -18.28 -0.80
CA GLU A 40 -5.49 -18.23 -0.56
C GLU A 40 -6.26 -19.46 -1.04
N ASP A 41 -7.18 -19.93 -0.21
CA ASP A 41 -8.04 -21.05 -0.57
C ASP A 41 -9.19 -20.37 -1.32
N ALA A 42 -9.01 -20.20 -2.63
CA ALA A 42 -10.02 -19.55 -3.44
C ALA A 42 -9.71 -19.71 -4.92
N ALA A 43 -10.71 -19.46 -5.76
CA ALA A 43 -10.57 -19.60 -7.20
C ALA A 43 -9.80 -18.43 -7.80
N ALA A 44 -9.63 -17.36 -7.03
CA ALA A 44 -8.91 -16.18 -7.50
C ALA A 44 -8.44 -15.34 -6.31
N ARG A 45 -7.42 -14.52 -6.53
CA ARG A 45 -6.92 -13.64 -5.49
C ARG A 45 -8.01 -12.67 -5.05
N SER A 46 -8.19 -12.51 -3.74
CA SER A 46 -9.20 -11.60 -3.23
C SER A 46 -8.59 -10.21 -3.12
N GLU A 47 -9.43 -9.18 -3.20
CA GLU A 47 -8.94 -7.81 -3.08
C GLU A 47 -8.39 -7.59 -1.67
N LEU A 48 -9.05 -8.19 -0.67
CA LEU A 48 -8.61 -8.03 0.70
C LEU A 48 -7.15 -8.44 0.88
N VAL A 49 -6.82 -9.64 0.45
CA VAL A 49 -5.47 -10.16 0.58
C VAL A 49 -4.49 -9.43 -0.33
N SER A 50 -4.94 -9.05 -1.52
CA SER A 50 -4.08 -8.31 -2.44
C SER A 50 -3.72 -6.96 -1.81
N ARG A 51 -4.71 -6.26 -1.24
CA ARG A 51 -4.44 -4.98 -0.59
C ARG A 51 -3.52 -5.18 0.60
N PHE A 52 -3.83 -6.16 1.44
CA PHE A 52 -3.00 -6.43 2.61
C PHE A 52 -1.52 -6.60 2.28
N LEU A 53 -1.20 -7.50 1.35
CA LEU A 53 0.20 -7.73 0.98
C LEU A 53 0.88 -6.50 0.39
N ALA A 54 0.14 -5.70 -0.36
CA ALA A 54 0.71 -4.50 -0.97
C ALA A 54 1.14 -3.48 0.10
N ARG A 55 0.48 -3.53 1.25
CA ARG A 55 0.77 -2.59 2.35
C ARG A 55 1.48 -3.27 3.52
N ALA A 56 1.74 -4.57 3.40
CA ALA A 56 2.37 -5.34 4.48
C ALA A 56 3.83 -5.03 4.81
N GLY A 57 4.56 -4.48 3.86
CA GLY A 57 5.95 -4.14 4.12
C GLY A 57 6.95 -5.27 4.28
N LEU A 58 6.76 -6.35 3.52
CA LEU A 58 7.68 -7.48 3.56
C LEU A 58 7.51 -8.25 2.26
N PRO A 59 8.61 -8.83 1.75
CA PRO A 59 8.58 -9.59 0.51
C PRO A 59 7.62 -10.77 0.56
N SER A 60 6.82 -10.93 -0.48
CA SER A 60 5.85 -12.01 -0.54
C SER A 60 5.51 -12.46 -1.96
N THR A 61 4.85 -13.62 -2.02
CA THR A 61 4.37 -14.20 -3.27
C THR A 61 2.93 -14.54 -2.94
N HIS A 62 2.01 -13.98 -3.71
CA HIS A 62 0.59 -14.18 -3.49
C HIS A 62 0.04 -15.25 -4.43
N LEU A 63 -0.30 -16.41 -3.86
CA LEU A 63 -0.84 -17.51 -4.65
C LEU A 63 -2.27 -17.82 -4.22
N HIS A 64 -2.95 -18.64 -5.02
CA HIS A 64 -4.31 -19.06 -4.72
C HIS A 64 -4.62 -20.37 -5.41
N VAL A 65 -5.39 -21.22 -4.74
CA VAL A 65 -5.80 -22.54 -5.24
C VAL A 65 -6.97 -23.01 -4.39
N PRO A 66 -8.11 -23.33 -5.03
CA PRO A 66 -9.31 -23.79 -4.31
C PRO A 66 -9.17 -25.17 -3.67
N THR A 67 -9.79 -25.35 -2.51
CA THR A 67 -9.80 -26.65 -1.85
C THR A 67 -11.12 -27.31 -2.27
N PRO A 68 -11.05 -28.49 -2.91
CA PRO A 68 -12.27 -29.18 -3.35
C PRO A 68 -13.22 -29.44 -2.18
N ARG A 69 -14.41 -29.97 -2.50
CA ARG A 69 -15.43 -30.28 -1.50
C ARG A 69 -14.93 -31.20 -0.37
N ARG A 70 -14.19 -30.62 0.58
CA ARG A 70 -13.66 -31.37 1.71
C ARG A 70 -14.33 -30.86 2.98
N GLY A 75 -14.73 -33.13 9.65
CA GLY A 75 -13.58 -32.78 10.47
C GLY A 75 -12.26 -33.25 9.87
N LEU A 76 -12.05 -32.95 8.60
CA LEU A 76 -10.82 -33.34 7.91
C LEU A 76 -9.84 -32.18 7.84
N PRO A 77 -8.53 -32.47 7.91
CA PRO A 77 -7.49 -31.45 7.85
C PRO A 77 -7.46 -30.77 6.49
N ARG A 78 -7.49 -29.44 6.50
CA ARG A 78 -7.46 -28.70 5.26
C ARG A 78 -6.14 -27.99 5.02
N ALA A 79 -6.12 -27.15 3.99
CA ALA A 79 -4.95 -26.39 3.60
C ALA A 79 -3.97 -27.25 2.81
N THR A 80 -4.28 -28.54 2.69
CA THR A 80 -3.40 -29.44 1.94
C THR A 80 -3.06 -28.88 0.55
N GLU A 81 -4.09 -28.45 -0.19
CA GLU A 81 -3.89 -27.93 -1.53
C GLU A 81 -3.07 -26.65 -1.55
N GLN A 82 -3.32 -25.77 -0.58
CA GLN A 82 -2.60 -24.51 -0.52
C GLN A 82 -1.14 -24.74 -0.21
N ARG A 83 -0.87 -25.61 0.76
CA ARG A 83 0.51 -25.92 1.14
C ARG A 83 1.26 -26.49 -0.06
N ASN A 84 0.64 -27.40 -0.80
CA ASN A 84 1.29 -27.97 -1.97
C ASN A 84 1.54 -26.91 -3.01
N ALA A 85 0.64 -25.94 -3.11
CA ALA A 85 0.82 -24.85 -4.07
C ALA A 85 2.11 -24.11 -3.74
N GLY A 86 2.39 -23.95 -2.46
CA GLY A 86 3.60 -23.28 -2.06
C GLY A 86 4.82 -24.08 -2.45
N LEU A 87 4.75 -25.40 -2.30
CA LEU A 87 5.86 -26.29 -2.64
C LEU A 87 6.13 -26.24 -4.14
N ALA A 88 5.07 -26.25 -4.92
CA ALA A 88 5.18 -26.21 -6.37
C ALA A 88 5.85 -24.91 -6.84
N TRP A 89 5.42 -23.79 -6.29
CA TRP A 89 5.99 -22.50 -6.67
C TRP A 89 7.49 -22.48 -6.40
N LEU A 90 7.85 -23.00 -5.24
CA LEU A 90 9.24 -23.04 -4.80
C LEU A 90 10.09 -23.87 -5.74
N ARG A 91 9.69 -25.11 -5.96
CA ARG A 91 10.43 -26.02 -6.84
C ARG A 91 10.54 -25.50 -8.26
N GLN A 92 9.56 -24.68 -8.65
CA GLN A 92 9.53 -24.08 -9.98
C GLN A 92 10.33 -22.77 -10.01
N ARG A 93 10.37 -22.08 -8.88
CA ARG A 93 11.08 -20.81 -8.76
C ARG A 93 12.59 -21.03 -8.85
N HIS A 94 13.05 -22.18 -8.37
CA HIS A 94 14.47 -22.48 -8.39
C HIS A 94 14.88 -23.44 -9.50
N GLN A 95 15.66 -22.94 -10.44
CA GLN A 95 16.15 -23.71 -11.58
C GLN A 95 17.27 -24.66 -11.14
N HIS A 96 17.54 -25.67 -11.96
CA HIS A 96 18.58 -26.63 -11.65
C HIS A 96 19.98 -26.02 -11.81
N GLN A 97 20.08 -24.72 -11.51
CA GLN A 97 21.34 -24.00 -11.60
C GLN A 97 22.35 -24.52 -10.58
N ARG A 98 22.83 -23.64 -9.70
CA ARG A 98 23.79 -24.03 -8.70
C ARG A 98 23.52 -23.42 -7.33
N ALA A 99 22.63 -22.42 -7.28
CA ALA A 99 22.29 -21.76 -6.02
C ALA A 99 20.92 -22.15 -5.50
N GLN A 100 20.89 -22.99 -4.45
CA GLN A 100 19.64 -23.44 -3.86
C GLN A 100 19.62 -23.36 -2.32
N PRO A 101 20.31 -22.35 -1.74
CA PRO A 101 20.31 -22.25 -0.28
C PRO A 101 18.97 -21.71 0.22
N GLY A 102 18.58 -22.11 1.42
CA GLY A 102 17.33 -21.64 1.98
C GLY A 102 16.58 -22.72 2.76
N VAL A 103 15.59 -22.30 3.53
CA VAL A 103 14.79 -23.24 4.32
C VAL A 103 13.33 -22.78 4.29
N LEU A 104 12.41 -23.71 4.52
CA LEU A 104 11.00 -23.35 4.54
C LEU A 104 10.30 -24.04 5.69
N PHE A 105 9.23 -23.41 6.17
CA PHE A 105 8.44 -23.98 7.24
C PHE A 105 7.00 -23.65 6.92
N PHE A 106 6.07 -24.31 7.60
CA PHE A 106 4.66 -24.11 7.35
C PHE A 106 4.00 -23.36 8.47
N ALA A 107 3.47 -22.19 8.14
CA ALA A 107 2.83 -21.36 9.15
C ALA A 107 1.37 -21.03 8.86
N ASP A 108 0.46 -21.65 9.62
CA ASP A 108 -0.96 -21.36 9.46
C ASP A 108 -1.15 -19.88 9.81
N ASP A 109 -2.21 -19.24 9.31
CA ASP A 109 -2.36 -17.81 9.55
C ASP A 109 -2.72 -17.33 10.95
N ASP A 110 -3.07 -18.24 11.86
CA ASP A 110 -3.42 -17.83 13.22
C ASP A 110 -2.48 -18.39 14.29
N ASN A 111 -1.40 -19.03 13.86
CA ASN A 111 -0.41 -19.59 14.78
C ASN A 111 0.44 -18.47 15.35
N THR A 112 0.94 -18.65 16.57
CA THR A 112 1.76 -17.63 17.22
C THR A 112 3.23 -18.04 17.22
N TYR A 113 4.09 -17.12 16.79
CA TYR A 113 5.51 -17.38 16.71
C TYR A 113 6.37 -16.45 17.54
N SER A 114 7.37 -17.04 18.17
CA SER A 114 8.34 -16.28 18.94
C SER A 114 9.44 -16.00 17.92
N LEU A 115 9.99 -14.78 17.92
CA LEU A 115 11.05 -14.44 16.98
C LEU A 115 12.30 -15.29 17.16
N GLU A 116 12.41 -15.98 18.28
CA GLU A 116 13.58 -16.82 18.56
C GLU A 116 13.64 -18.05 17.65
N LEU A 117 12.48 -18.54 17.24
CA LEU A 117 12.39 -19.72 16.40
C LEU A 117 13.13 -19.64 15.07
N PHE A 118 13.02 -18.51 14.38
CA PHE A 118 13.65 -18.37 13.07
C PHE A 118 15.16 -18.51 13.04
N GLN A 119 15.82 -18.05 14.10
CA GLN A 119 17.27 -18.16 14.17
C GLN A 119 17.62 -19.63 14.33
N GLU A 120 16.65 -20.42 14.75
CA GLU A 120 16.83 -21.86 14.96
C GLU A 120 16.72 -22.62 13.66
N MET A 121 15.61 -22.43 12.95
CA MET A 121 15.38 -23.13 11.69
C MET A 121 16.30 -22.65 10.58
N ARG A 122 16.85 -21.46 10.73
CA ARG A 122 17.72 -20.88 9.73
C ARG A 122 18.86 -21.79 9.25
N THR A 123 19.43 -22.53 10.19
CA THR A 123 20.55 -23.43 9.91
C THR A 123 20.17 -24.84 9.48
N THR A 124 18.89 -25.08 9.25
CA THR A 124 18.43 -26.41 8.85
C THR A 124 19.21 -26.92 7.64
N ARG A 125 19.71 -28.15 7.73
CA ARG A 125 20.45 -28.78 6.65
C ARG A 125 19.55 -29.76 5.91
N LYS A 126 18.74 -30.49 6.66
CA LYS A 126 17.82 -31.46 6.09
C LYS A 126 16.41 -31.16 6.64
N VAL A 127 16.12 -31.61 7.86
CA VAL A 127 14.83 -31.36 8.48
C VAL A 127 15.02 -31.14 9.99
N SER A 128 14.56 -30.00 10.49
CA SER A 128 14.68 -29.70 11.91
C SER A 128 13.29 -29.78 12.55
N VAL A 129 13.26 -30.05 13.86
CA VAL A 129 12.02 -30.16 14.60
C VAL A 129 12.07 -29.40 15.92
N TRP A 130 10.92 -29.10 16.48
CA TRP A 130 10.85 -28.38 17.75
C TRP A 130 9.49 -28.58 18.43
N PRO A 131 9.39 -28.20 19.72
CA PRO A 131 8.13 -28.35 20.45
C PRO A 131 7.06 -27.38 19.94
N VAL A 132 5.81 -27.79 20.04
CA VAL A 132 4.68 -26.96 19.62
C VAL A 132 3.67 -26.89 20.76
N GLY A 133 3.37 -25.68 21.20
CA GLY A 133 2.43 -25.53 22.30
C GLY A 133 0.97 -25.63 21.88
N LEU A 134 0.13 -26.06 22.82
CA LEU A 134 -1.32 -26.17 22.61
C LEU A 134 -1.77 -27.00 21.41
N VAL A 135 -1.38 -28.26 21.37
CA VAL A 135 -1.76 -29.10 20.25
C VAL A 135 -1.97 -30.55 20.70
N GLY A 136 -2.72 -31.31 19.92
CA GLY A 136 -2.97 -32.70 20.23
C GLY A 136 -3.75 -32.95 21.50
N GLY A 137 -4.44 -31.93 21.99
CA GLY A 137 -5.22 -32.08 23.20
C GLY A 137 -4.36 -32.06 24.44
N ARG A 138 -3.18 -31.47 24.33
CA ARG A 138 -2.24 -31.35 25.44
C ARG A 138 -1.63 -29.97 25.49
N ARG A 139 -0.99 -29.65 26.62
CA ARG A 139 -0.35 -28.36 26.80
C ARG A 139 0.72 -28.13 25.73
N TYR A 140 1.26 -29.23 25.23
CA TYR A 140 2.28 -29.16 24.20
C TYR A 140 2.59 -30.52 23.60
N GLU A 141 3.46 -30.49 22.60
CA GLU A 141 3.88 -31.68 21.89
C GLU A 141 5.37 -31.44 21.64
N ARG A 142 6.18 -32.48 21.72
CA ARG A 142 7.61 -32.29 21.47
C ARG A 142 8.33 -33.58 21.17
N PRO A 143 9.40 -33.49 20.37
CA PRO A 143 10.14 -34.72 20.06
C PRO A 143 11.06 -34.96 21.26
N LEU A 144 11.28 -36.23 21.61
CA LEU A 144 12.16 -36.55 22.73
C LEU A 144 13.58 -36.66 22.22
N VAL A 145 14.47 -35.86 22.80
CA VAL A 145 15.86 -35.83 22.38
C VAL A 145 16.81 -36.61 23.27
N GLU A 146 17.78 -37.28 22.64
CA GLU A 146 18.78 -38.06 23.33
C GLU A 146 20.14 -37.85 22.65
N ASN A 147 21.06 -37.20 23.36
CA ASN A 147 22.39 -36.94 22.83
C ASN A 147 22.34 -36.24 21.49
N GLY A 148 21.48 -35.23 21.38
CA GLY A 148 21.37 -34.48 20.15
C GLY A 148 20.51 -35.12 19.08
N LYS A 149 19.88 -36.25 19.39
CA LYS A 149 19.06 -36.93 18.40
C LYS A 149 17.65 -37.26 18.89
N VAL A 150 16.70 -37.27 17.95
CA VAL A 150 15.31 -37.57 18.26
C VAL A 150 15.16 -39.08 18.43
N VAL A 151 14.64 -39.48 19.58
CA VAL A 151 14.47 -40.91 19.85
C VAL A 151 13.05 -41.25 20.29
N GLY A 152 12.13 -40.30 20.16
CA GLY A 152 10.76 -40.54 20.56
C GLY A 152 9.88 -39.30 20.42
N TRP A 153 8.59 -39.47 20.69
CA TRP A 153 7.65 -38.35 20.58
C TRP A 153 6.68 -38.31 21.76
N TYR A 154 6.34 -37.09 22.17
CA TYR A 154 5.40 -36.85 23.26
C TYR A 154 4.23 -36.10 22.66
N THR A 155 3.13 -36.81 22.40
CA THR A 155 1.95 -36.20 21.80
C THR A 155 0.68 -36.95 22.19
N GLY A 156 -0.44 -36.23 22.25
CA GLY A 156 -1.70 -36.84 22.60
C GLY A 156 -2.48 -37.39 21.43
N TRP A 157 -1.88 -37.36 20.24
CA TRP A 157 -2.57 -37.87 19.05
C TRP A 157 -1.64 -38.71 18.17
N ARG A 158 -1.98 -39.98 18.01
CA ARG A 158 -1.20 -40.92 17.21
C ARG A 158 0.30 -40.79 17.46
N ALA A 159 0.78 -41.38 18.54
CA ALA A 159 2.20 -41.33 18.87
C ALA A 159 2.96 -42.45 18.17
N ASP A 160 2.22 -43.30 17.48
CA ASP A 160 2.82 -44.42 16.75
C ASP A 160 3.40 -43.98 15.41
N ARG A 161 2.99 -42.81 14.94
CA ARG A 161 3.46 -42.28 13.66
C ARG A 161 4.99 -42.22 13.62
N PRO A 162 5.60 -42.60 12.49
CA PRO A 162 7.06 -42.56 12.41
C PRO A 162 7.57 -41.14 12.65
N PHE A 163 6.69 -40.16 12.42
CA PHE A 163 6.99 -38.76 12.65
C PHE A 163 5.75 -38.16 13.28
N ALA A 164 5.64 -38.32 14.61
CA ALA A 164 4.48 -37.81 15.35
C ALA A 164 4.69 -36.35 15.72
N ILE A 165 4.57 -35.49 14.73
CA ILE A 165 4.77 -34.07 14.95
C ILE A 165 3.76 -33.26 14.17
N ASP A 166 3.50 -32.04 14.64
CA ASP A 166 2.54 -31.17 13.99
C ASP A 166 3.19 -30.37 12.85
N MET A 167 2.34 -29.88 11.94
CA MET A 167 2.79 -29.10 10.79
C MET A 167 3.64 -27.89 11.21
N ALA A 168 3.29 -27.29 12.35
CA ALA A 168 4.00 -26.13 12.84
C ALA A 168 5.30 -26.45 13.55
N GLY A 169 5.61 -27.72 13.71
CA GLY A 169 6.83 -28.11 14.41
C GLY A 169 8.08 -28.49 13.65
N PHE A 170 8.16 -28.18 12.36
CA PHE A 170 9.37 -28.54 11.61
C PHE A 170 9.69 -27.62 10.44
N ALA A 171 10.94 -27.68 9.98
CA ALA A 171 11.38 -26.89 8.82
C ALA A 171 12.15 -27.84 7.90
N VAL A 172 12.08 -27.58 6.60
CA VAL A 172 12.79 -28.42 5.65
C VAL A 172 13.72 -27.56 4.80
N SER A 173 14.92 -28.06 4.57
CA SER A 173 15.90 -27.34 3.76
C SER A 173 15.32 -27.21 2.37
N LEU A 174 15.59 -26.09 1.71
CA LEU A 174 15.09 -25.90 0.36
C LEU A 174 15.70 -26.95 -0.57
N GLN A 175 16.94 -27.32 -0.31
CA GLN A 175 17.62 -28.30 -1.15
C GLN A 175 16.89 -29.65 -1.07
N VAL A 176 16.44 -30.00 0.12
CA VAL A 176 15.73 -31.27 0.32
C VAL A 176 14.41 -31.27 -0.43
N ILE A 177 13.75 -30.12 -0.47
CA ILE A 177 12.48 -29.99 -1.17
C ILE A 177 12.69 -30.13 -2.69
N LEU A 178 13.75 -29.48 -3.17
CA LEU A 178 14.06 -29.53 -4.60
C LEU A 178 14.51 -30.92 -5.06
N SER A 179 15.25 -31.62 -4.21
CA SER A 179 15.75 -32.95 -4.51
C SER A 179 14.67 -34.02 -4.49
N ASN A 180 13.58 -33.73 -3.78
CA ASN A 180 12.45 -34.64 -3.68
C ASN A 180 11.22 -33.97 -4.26
N PRO A 181 11.17 -33.82 -5.60
CA PRO A 181 10.05 -33.18 -6.29
C PRO A 181 8.71 -33.89 -6.19
N LYS A 182 8.74 -35.16 -5.85
CA LYS A 182 7.52 -35.95 -5.74
C LYS A 182 6.91 -35.83 -4.35
N ALA A 183 7.71 -35.34 -3.39
CA ALA A 183 7.26 -35.20 -2.02
C ALA A 183 6.28 -34.04 -1.84
N VAL A 184 5.01 -34.39 -1.64
CA VAL A 184 3.96 -33.40 -1.44
C VAL A 184 3.03 -33.91 -0.34
N PHE A 185 2.11 -33.08 0.12
CA PHE A 185 1.16 -33.51 1.14
C PHE A 185 -0.02 -34.22 0.46
N LYS A 186 -0.46 -35.32 1.04
CA LYS A 186 -1.57 -36.09 0.47
C LYS A 186 -2.61 -36.34 1.56
N ARG A 187 -3.81 -35.80 1.37
CA ARG A 187 -4.86 -35.97 2.36
C ARG A 187 -5.65 -37.26 2.15
N ARG A 188 -5.31 -37.99 1.09
CA ARG A 188 -5.97 -39.24 0.79
C ARG A 188 -6.06 -40.15 2.02
N GLY A 189 -5.11 -39.97 2.95
CA GLY A 189 -5.09 -40.79 4.15
C GLY A 189 -6.35 -40.62 4.99
N SER A 190 -6.97 -41.73 5.36
CA SER A 190 -8.17 -41.71 6.18
C SER A 190 -7.87 -41.07 7.53
N GLN A 191 -6.66 -41.26 8.01
CA GLN A 191 -6.24 -40.69 9.29
C GLN A 191 -6.05 -39.19 9.13
N PRO A 192 -6.78 -38.39 9.91
CA PRO A 192 -6.70 -36.93 9.88
C PRO A 192 -5.28 -36.38 9.96
N GLY A 193 -4.62 -36.62 11.09
CA GLY A 193 -3.26 -36.14 11.27
C GLY A 193 -2.18 -37.12 10.86
N MET A 194 -2.14 -37.45 9.58
CA MET A 194 -1.14 -38.39 9.07
C MET A 194 -0.35 -37.72 7.93
N GLN A 195 -0.80 -36.53 7.55
CA GLN A 195 -0.15 -35.80 6.46
C GLN A 195 1.30 -35.43 6.73
N GLU A 196 1.60 -34.98 7.94
CA GLU A 196 2.97 -34.59 8.29
C GLU A 196 3.93 -35.78 8.26
N SER A 197 3.50 -36.89 8.85
CA SER A 197 4.33 -38.09 8.89
C SER A 197 4.56 -38.67 7.49
N ASP A 198 3.48 -38.78 6.71
CA ASP A 198 3.58 -39.33 5.36
C ASP A 198 4.51 -38.48 4.50
N PHE A 199 4.49 -37.18 4.74
CA PHE A 199 5.33 -36.25 3.99
C PHE A 199 6.78 -36.43 4.36
N LEU A 200 7.07 -36.28 5.65
CA LEU A 200 8.41 -36.39 6.19
C LEU A 200 9.09 -37.73 5.90
N LYS A 201 8.31 -38.80 5.80
CA LYS A 201 8.86 -40.10 5.53
C LYS A 201 9.61 -40.15 4.20
N GLN A 202 9.15 -39.34 3.24
CA GLN A 202 9.76 -39.30 1.91
C GLN A 202 11.05 -38.48 1.81
N ILE A 203 11.33 -37.65 2.81
CA ILE A 203 12.51 -36.80 2.77
C ILE A 203 13.65 -37.20 3.71
N THR A 204 13.34 -37.56 4.94
CA THR A 204 14.39 -37.96 5.88
C THR A 204 13.97 -39.04 6.85
N THR A 205 14.89 -39.38 7.74
CA THR A 205 14.66 -40.40 8.76
C THR A 205 14.73 -39.75 10.13
N VAL A 206 14.14 -40.39 11.13
CA VAL A 206 14.15 -39.86 12.48
C VAL A 206 15.59 -39.54 12.91
N GLU A 207 16.54 -40.37 12.48
CA GLU A 207 17.95 -40.20 12.83
C GLU A 207 18.58 -38.91 12.29
N GLU A 208 18.16 -38.50 11.10
CA GLU A 208 18.70 -37.28 10.49
C GLU A 208 18.06 -36.01 11.05
N LEU A 209 16.96 -36.16 11.77
CA LEU A 209 16.26 -35.01 12.34
C LEU A 209 17.15 -34.14 13.21
N GLU A 210 17.11 -32.84 12.94
CA GLU A 210 17.89 -31.85 13.67
C GLU A 210 17.03 -31.19 14.75
N PRO A 211 17.22 -31.61 16.01
CA PRO A 211 16.46 -31.06 17.14
C PRO A 211 16.82 -29.60 17.44
N LYS A 212 15.78 -28.77 17.53
CA LYS A 212 15.97 -27.34 17.78
C LYS A 212 15.35 -26.91 19.12
N ALA A 213 15.48 -25.62 19.43
CA ALA A 213 14.93 -25.08 20.67
C ALA A 213 15.49 -25.78 21.92
N ASN A 214 16.80 -25.70 22.11
CA ASN A 214 17.45 -26.33 23.26
C ASN A 214 17.07 -27.80 23.41
N ASN A 215 17.40 -28.61 22.41
CA ASN A 215 17.08 -30.04 22.44
C ASN A 215 15.60 -30.29 22.71
N CYS A 216 14.75 -29.50 22.06
CA CYS A 216 13.30 -29.62 22.21
C CYS A 216 12.75 -29.54 23.63
N THR A 217 13.19 -28.53 24.37
CA THR A 217 12.71 -28.35 25.73
C THR A 217 12.03 -26.98 25.88
N LYS A 218 11.94 -26.24 24.77
CA LYS A 218 11.32 -24.91 24.78
C LYS A 218 10.22 -24.78 23.73
N VAL A 219 9.12 -24.11 24.10
CA VAL A 219 8.00 -23.89 23.20
C VAL A 219 8.11 -22.48 22.64
N LEU A 220 8.45 -22.39 21.36
CA LEU A 220 8.63 -21.11 20.67
C LEU A 220 7.54 -20.85 19.63
N VAL A 221 6.57 -21.74 19.56
CA VAL A 221 5.47 -21.63 18.62
C VAL A 221 4.25 -22.27 19.27
N TRP A 222 3.08 -21.65 19.09
CA TRP A 222 1.85 -22.15 19.68
C TRP A 222 0.70 -22.18 18.68
N HIS A 223 -0.20 -23.15 18.83
CA HIS A 223 -1.39 -23.19 17.98
C HIS A 223 -2.37 -22.29 18.71
N THR A 224 -2.84 -21.24 18.04
CA THR A 224 -3.80 -20.33 18.64
C THR A 224 -4.94 -20.07 17.67
N ARG A 225 -6.10 -20.64 17.94
CA ARG A 225 -7.24 -20.44 17.06
C ARG A 225 -8.19 -19.46 17.73
N THR A 226 -8.60 -18.44 17.00
CA THR A 226 -9.52 -17.45 17.54
C THR A 226 -10.93 -18.02 17.53
N GLU A 227 -11.77 -17.54 18.45
CA GLU A 227 -13.16 -17.99 18.54
C GLU A 227 -13.97 -17.43 17.38
N LYS A 228 -15.02 -18.13 17.01
CA LYS A 228 -15.89 -17.68 15.92
C LYS A 228 -16.36 -16.27 16.27
N VAL A 229 -16.43 -15.39 15.27
CA VAL A 229 -16.87 -14.02 15.48
C VAL A 229 -18.38 -13.95 15.60
N ASN A 230 -18.86 -13.21 16.59
CA ASN A 230 -20.30 -13.06 16.81
C ASN A 230 -20.82 -11.96 15.90
N LEU A 231 -21.71 -12.30 14.96
CA LEU A 231 -22.26 -11.30 14.07
C LEU A 231 -23.78 -11.18 14.21
N ALA A 232 -24.27 -11.60 15.37
CA ALA A 232 -25.70 -11.57 15.64
C ALA A 232 -26.35 -10.19 15.47
N ASN A 233 -25.57 -9.13 15.68
CA ASN A 233 -26.11 -7.78 15.57
C ASN A 233 -25.69 -7.01 14.33
N GLU A 234 -25.19 -7.72 13.33
CA GLU A 234 -24.73 -7.14 12.07
C GLU A 234 -25.95 -6.68 11.24
N PRO A 235 -25.99 -5.39 10.86
CA PRO A 235 -27.11 -4.85 10.07
C PRO A 235 -27.21 -5.43 8.66
N LYS A 236 -28.43 -5.60 8.17
CA LYS A 236 -28.64 -6.12 6.84
C LYS A 236 -29.45 -5.15 5.98
N TYR A 237 -30.30 -4.35 6.61
CA TYR A 237 -31.13 -3.43 5.84
C TYR A 237 -30.86 -1.94 6.06
N HIS A 238 -30.66 -1.54 7.31
CA HIS A 238 -30.35 -0.15 7.61
C HIS A 238 -28.84 -0.09 7.78
N LEU A 239 -28.13 -0.15 6.65
CA LEU A 239 -26.68 -0.18 6.64
C LEU A 239 -25.97 1.12 6.97
N ASP A 240 -24.69 0.99 7.33
CA ASP A 240 -23.85 2.12 7.65
C ASP A 240 -23.71 2.90 6.34
N THR A 241 -23.46 4.20 6.43
CA THR A 241 -23.33 5.03 5.25
C THR A 241 -21.99 4.91 4.54
N VAL A 242 -21.13 4.01 5.03
CA VAL A 242 -19.82 3.79 4.42
C VAL A 242 -19.49 2.30 4.43
N LYS A 243 -18.68 1.87 3.47
CA LYS A 243 -18.27 0.47 3.38
C LYS A 243 -16.88 0.35 4.04
N ILE A 244 -16.75 -0.55 5.01
CA ILE A 244 -15.46 -0.73 5.69
C ILE A 244 -14.95 -2.16 5.69
N GLU A 245 -13.71 -2.34 5.25
CA GLU A 245 -13.10 -3.66 5.21
C GLU A 245 -12.60 -4.01 6.62
N VAL A 246 -12.86 -5.24 7.05
CA VAL A 246 -12.44 -5.70 8.38
C VAL A 246 -11.61 -6.98 8.30
N GLN B 1 9.33 17.44 20.42
CA GLN B 1 9.76 16.11 20.95
C GLN B 1 8.73 15.03 20.61
N LEU B 2 9.17 13.78 20.61
CA LEU B 2 8.30 12.65 20.28
C LEU B 2 7.47 12.15 21.47
N PRO B 3 6.13 12.26 21.39
CA PRO B 3 5.25 11.81 22.46
C PRO B 3 5.35 10.31 22.71
N THR B 4 5.35 9.93 23.98
CA THR B 4 5.43 8.54 24.38
C THR B 4 4.04 7.91 24.43
N ILE B 5 3.91 6.71 23.89
CA ILE B 5 2.63 6.02 23.91
C ILE B 5 2.63 4.94 24.99
N TYR B 6 1.71 5.04 25.94
CA TYR B 6 1.61 4.05 27.00
C TYR B 6 0.48 3.07 26.73
N ALA B 7 0.81 1.78 26.70
CA ALA B 7 -0.19 0.74 26.48
C ALA B 7 -0.55 0.05 27.80
N ILE B 8 -1.78 0.21 28.25
CA ILE B 8 -2.21 -0.41 29.49
C ILE B 8 -2.88 -1.73 29.15
N THR B 9 -2.19 -2.83 29.47
CA THR B 9 -2.66 -4.16 29.17
C THR B 9 -2.97 -5.03 30.38
N PRO B 10 -4.25 -5.40 30.54
CA PRO B 10 -4.65 -6.26 31.66
C PRO B 10 -4.41 -7.70 31.22
N THR B 11 -3.95 -8.55 32.12
CA THR B 11 -3.70 -9.94 31.77
C THR B 11 -3.96 -10.85 32.97
N TYR B 12 -4.22 -12.12 32.69
CA TYR B 12 -4.45 -13.09 33.75
C TYR B 12 -3.96 -14.45 33.28
N SER B 13 -3.47 -15.24 34.23
CA SER B 13 -2.91 -16.56 33.95
C SER B 13 -3.89 -17.59 33.38
N ARG B 14 -3.53 -18.11 32.21
CA ARG B 14 -4.31 -19.09 31.50
C ARG B 14 -3.38 -19.77 30.50
N PRO B 15 -3.77 -20.94 29.98
CA PRO B 15 -2.90 -21.63 29.03
C PRO B 15 -2.39 -20.84 27.82
N VAL B 16 -3.21 -19.97 27.25
CA VAL B 16 -2.78 -19.19 26.09
C VAL B 16 -2.10 -17.88 26.47
N GLN B 17 -1.99 -17.58 27.76
CA GLN B 17 -1.40 -16.32 28.16
C GLN B 17 -0.04 -15.97 27.55
N LYS B 18 0.94 -16.87 27.66
CA LYS B 18 2.25 -16.55 27.12
C LYS B 18 2.21 -16.35 25.61
N ALA B 19 1.44 -17.17 24.92
CA ALA B 19 1.33 -17.06 23.47
C ALA B 19 0.79 -15.66 23.12
N GLU B 20 -0.34 -15.30 23.70
CA GLU B 20 -0.94 -13.99 23.44
C GLU B 20 0.03 -12.86 23.76
N LEU B 21 0.71 -12.95 24.89
CA LEU B 21 1.67 -11.91 25.27
C LEU B 21 2.81 -11.86 24.28
N THR B 22 3.18 -13.02 23.74
CA THR B 22 4.26 -13.07 22.77
C THR B 22 3.93 -12.31 21.49
N ARG B 23 2.77 -12.54 20.89
CA ARG B 23 2.49 -11.82 19.66
C ARG B 23 2.14 -10.34 19.83
N LEU B 24 1.57 -9.97 20.97
CA LEU B 24 1.26 -8.56 21.17
C LEU B 24 2.57 -7.81 21.31
N ALA B 25 3.55 -8.45 21.96
CA ALA B 25 4.87 -7.85 22.13
C ALA B 25 5.56 -7.74 20.76
N ASN B 26 5.34 -8.74 19.90
CA ASN B 26 5.94 -8.73 18.57
C ASN B 26 5.46 -7.51 17.80
N THR B 27 4.25 -7.05 18.12
CA THR B 27 3.68 -5.88 17.46
C THR B 27 4.23 -4.60 18.12
N PHE B 28 4.05 -4.50 19.42
CA PHE B 28 4.49 -3.32 20.18
C PHE B 28 5.99 -3.05 20.06
N ARG B 29 6.78 -4.11 19.99
CA ARG B 29 8.22 -3.98 19.88
C ARG B 29 8.63 -3.10 18.71
N GLN B 30 7.78 -3.03 17.69
CA GLN B 30 8.04 -2.25 16.48
C GLN B 30 7.57 -0.80 16.54
N VAL B 31 6.99 -0.41 17.66
CA VAL B 31 6.50 0.95 17.78
C VAL B 31 7.50 1.82 18.54
N ALA B 32 7.89 2.93 17.94
CA ALA B 32 8.84 3.85 18.56
C ALA B 32 8.21 4.54 19.76
N GLN B 33 9.00 4.72 20.81
CA GLN B 33 8.54 5.40 22.02
C GLN B 33 7.24 4.87 22.61
N LEU B 34 7.20 3.56 22.88
CA LEU B 34 6.01 2.95 23.46
C LEU B 34 6.40 2.23 24.74
N HIS B 35 5.67 2.54 25.80
CA HIS B 35 5.91 1.93 27.10
C HIS B 35 4.76 1.00 27.41
N TRP B 36 5.08 -0.28 27.61
CA TRP B 36 4.06 -1.27 27.90
C TRP B 36 3.82 -1.43 29.41
N ILE B 37 2.59 -1.18 29.84
CA ILE B 37 2.21 -1.31 31.23
C ILE B 37 1.36 -2.57 31.35
N LEU B 38 1.99 -3.67 31.74
CA LEU B 38 1.29 -4.94 31.87
C LEU B 38 0.86 -5.16 33.31
N VAL B 39 -0.44 -5.28 33.53
CA VAL B 39 -1.00 -5.45 34.86
C VAL B 39 -1.62 -6.82 35.07
N GLU B 40 -1.00 -7.64 35.92
CA GLU B 40 -1.51 -8.97 36.19
C GLU B 40 -2.68 -8.96 37.16
N ASP B 41 -3.64 -9.86 36.92
CA ASP B 41 -4.78 -9.99 37.81
C ASP B 41 -4.41 -11.09 38.79
N ALA B 42 -3.59 -10.75 39.78
CA ALA B 42 -3.16 -11.72 40.78
C ALA B 42 -2.67 -11.05 42.06
N ALA B 43 -2.58 -11.84 43.12
CA ALA B 43 -2.14 -11.36 44.42
C ALA B 43 -0.73 -10.81 44.34
N ALA B 44 0.08 -11.40 43.47
CA ALA B 44 1.45 -10.96 43.29
C ALA B 44 1.92 -11.30 41.88
N ARG B 45 3.04 -10.71 41.48
CA ARG B 45 3.61 -10.96 40.16
C ARG B 45 3.86 -12.45 39.95
N SER B 46 3.66 -12.90 38.73
CA SER B 46 3.88 -14.30 38.38
C SER B 46 5.27 -14.41 37.77
N GLU B 47 5.91 -15.56 37.96
CA GLU B 47 7.24 -15.78 37.42
C GLU B 47 7.22 -15.85 35.89
N LEU B 48 6.22 -16.54 35.34
CA LEU B 48 6.12 -16.64 33.88
C LEU B 48 6.12 -15.24 33.23
N VAL B 49 5.28 -14.34 33.74
CA VAL B 49 5.20 -12.99 33.18
C VAL B 49 6.46 -12.18 33.47
N SER B 50 7.02 -12.39 34.66
CA SER B 50 8.23 -11.67 35.06
C SER B 50 9.40 -12.06 34.17
N ARG B 51 9.53 -13.35 33.90
CA ARG B 51 10.60 -13.81 33.03
C ARG B 51 10.35 -13.39 31.59
N PHE B 52 9.08 -13.41 31.20
CA PHE B 52 8.70 -13.01 29.83
C PHE B 52 9.07 -11.56 29.52
N LEU B 53 8.70 -10.64 30.42
CA LEU B 53 9.00 -9.23 30.21
C LEU B 53 10.49 -8.96 30.19
N ALA B 54 11.25 -9.79 30.89
CA ALA B 54 12.70 -9.63 30.94
C ALA B 54 13.29 -9.82 29.55
N ARG B 55 12.72 -10.74 28.78
CA ARG B 55 13.22 -11.02 27.45
C ARG B 55 12.24 -10.64 26.33
N ALA B 56 11.23 -9.84 26.67
CA ALA B 56 10.24 -9.40 25.69
C ALA B 56 10.89 -8.53 24.62
N GLY B 57 11.85 -7.71 25.04
CA GLY B 57 12.54 -6.84 24.09
C GLY B 57 12.01 -5.43 23.92
N LEU B 58 11.30 -4.93 24.92
CA LEU B 58 10.77 -3.57 24.86
C LEU B 58 10.57 -3.03 26.27
N PRO B 59 10.54 -1.70 26.41
CA PRO B 59 10.36 -1.09 27.75
C PRO B 59 8.98 -1.39 28.34
N SER B 60 8.96 -1.79 29.61
CA SER B 60 7.71 -2.13 30.27
C SER B 60 7.70 -1.95 31.78
N THR B 61 6.50 -1.95 32.35
CA THR B 61 6.27 -1.82 33.77
C THR B 61 5.40 -3.00 34.15
N HIS B 62 5.87 -3.82 35.10
CA HIS B 62 5.12 -4.99 35.53
C HIS B 62 4.40 -4.70 36.84
N LEU B 63 3.07 -4.63 36.77
CA LEU B 63 2.24 -4.36 37.94
C LEU B 63 1.26 -5.50 38.16
N HIS B 64 0.63 -5.54 39.33
CA HIS B 64 -0.34 -6.57 39.63
C HIS B 64 -1.35 -6.08 40.67
N VAL B 65 -2.60 -6.50 40.48
CA VAL B 65 -3.68 -6.12 41.39
C VAL B 65 -4.78 -7.18 41.31
N PRO B 66 -5.17 -7.73 42.47
CA PRO B 66 -6.22 -8.76 42.52
C PRO B 66 -7.58 -8.18 42.13
N THR B 67 -8.48 -9.06 41.70
CA THR B 67 -9.83 -8.66 41.32
C THR B 67 -10.79 -9.61 42.06
N PRO B 68 -11.68 -9.04 42.89
CA PRO B 68 -12.64 -9.87 43.63
C PRO B 68 -13.39 -10.80 42.67
N ARG B 69 -14.10 -11.79 43.20
CA ARG B 69 -14.83 -12.74 42.36
C ARG B 69 -15.27 -12.22 40.99
N ARG B 70 -16.23 -11.29 40.98
CA ARG B 70 -16.73 -10.71 39.74
C ARG B 70 -17.00 -11.76 38.67
N GLY B 75 -21.54 -13.10 34.62
CA GLY B 75 -21.15 -12.29 33.48
C GLY B 75 -20.90 -10.84 33.85
N LEU B 76 -19.79 -10.59 34.54
CA LEU B 76 -19.44 -9.24 34.95
C LEU B 76 -18.19 -8.73 34.23
N PRO B 77 -17.99 -7.40 34.24
CA PRO B 77 -16.83 -6.80 33.59
C PRO B 77 -15.54 -7.40 34.13
N ARG B 78 -14.41 -6.90 33.65
CA ARG B 78 -13.12 -7.41 34.11
C ARG B 78 -12.03 -6.45 33.67
N ALA B 79 -10.88 -6.55 34.32
CA ALA B 79 -9.73 -5.71 34.04
C ALA B 79 -9.94 -4.32 34.60
N THR B 80 -11.10 -4.07 35.19
CA THR B 80 -11.38 -2.76 35.77
C THR B 80 -10.28 -2.38 36.76
N GLU B 81 -9.96 -3.31 37.67
CA GLU B 81 -8.91 -3.06 38.67
C GLU B 81 -7.55 -2.88 38.01
N GLN B 82 -7.23 -3.75 37.05
CA GLN B 82 -5.96 -3.68 36.35
C GLN B 82 -5.79 -2.37 35.57
N ARG B 83 -6.83 -1.93 34.88
CA ARG B 83 -6.73 -0.69 34.13
C ARG B 83 -6.55 0.51 35.07
N ASN B 84 -7.25 0.50 36.19
CA ASN B 84 -7.10 1.61 37.12
C ASN B 84 -5.69 1.62 37.70
N ALA B 85 -5.16 0.43 38.01
CA ALA B 85 -3.81 0.33 38.54
C ALA B 85 -2.85 0.98 37.55
N GLY B 86 -3.15 0.81 36.27
CA GLY B 86 -2.31 1.41 35.24
C GLY B 86 -2.45 2.92 35.26
N LEU B 87 -3.66 3.40 35.50
CA LEU B 87 -3.91 4.84 35.55
C LEU B 87 -3.20 5.47 36.74
N ALA B 88 -3.30 4.82 37.90
CA ALA B 88 -2.64 5.30 39.12
C ALA B 88 -1.15 5.45 38.86
N TRP B 89 -0.52 4.35 38.44
CA TRP B 89 0.92 4.36 38.17
C TRP B 89 1.35 5.53 37.30
N LEU B 90 0.62 5.77 36.21
CA LEU B 90 0.94 6.86 35.30
C LEU B 90 0.88 8.21 35.98
N ARG B 91 -0.18 8.44 36.75
CA ARG B 91 -0.36 9.70 37.47
C ARG B 91 0.75 9.88 38.50
N GLN B 92 1.26 8.76 39.01
CA GLN B 92 2.33 8.78 39.99
C GLN B 92 3.66 9.17 39.37
N ARG B 93 4.10 8.39 38.37
CA ARG B 93 5.36 8.68 37.71
C ARG B 93 5.44 10.13 37.20
N HIS B 94 4.33 10.64 36.68
CA HIS B 94 4.31 12.00 36.17
C HIS B 94 3.57 12.94 37.10
N GLN B 95 3.62 12.63 38.39
CA GLN B 95 2.97 13.42 39.42
C GLN B 95 3.24 14.91 39.21
N HIS B 96 4.42 15.22 38.66
CA HIS B 96 4.81 16.60 38.39
C HIS B 96 6.07 16.68 37.53
N GLN B 97 5.86 16.74 36.21
CA GLN B 97 6.97 16.83 35.27
C GLN B 97 6.73 17.99 34.31
N ARG B 98 7.78 18.37 33.57
CA ARG B 98 7.69 19.47 32.62
C ARG B 98 7.43 18.95 31.21
N ALA B 99 8.50 18.77 30.43
CA ALA B 99 8.36 18.26 29.07
C ALA B 99 8.07 16.77 29.10
N GLN B 100 6.81 16.42 29.31
CA GLN B 100 6.39 15.03 29.38
C GLN B 100 5.21 14.67 28.48
N PRO B 101 5.33 14.94 27.17
CA PRO B 101 4.23 14.63 26.24
C PRO B 101 3.98 13.12 26.13
N GLY B 102 2.71 12.74 26.24
CA GLY B 102 2.37 11.32 26.17
C GLY B 102 0.90 11.05 25.91
N VAL B 103 0.60 9.80 25.56
CA VAL B 103 -0.75 9.35 25.28
C VAL B 103 -0.88 7.91 25.74
N LEU B 104 -2.06 7.54 26.20
CA LEU B 104 -2.28 6.16 26.63
C LEU B 104 -3.48 5.57 25.94
N PHE B 105 -3.54 4.24 25.91
CA PHE B 105 -4.67 3.55 25.32
C PHE B 105 -4.77 2.23 26.05
N PHE B 106 -5.90 1.55 25.90
CA PHE B 106 -6.11 0.30 26.59
C PHE B 106 -6.08 -0.88 25.62
N ALA B 107 -5.11 -1.75 25.83
CA ALA B 107 -4.94 -2.92 24.96
C ALA B 107 -5.07 -4.25 25.67
N ASP B 108 -6.21 -4.90 25.56
CA ASP B 108 -6.37 -6.22 26.18
C ASP B 108 -5.24 -7.08 25.60
N ASP B 109 -4.88 -8.15 26.29
CA ASP B 109 -3.77 -8.99 25.83
C ASP B 109 -4.06 -9.87 24.61
N ASP B 110 -5.31 -9.94 24.20
CA ASP B 110 -5.67 -10.76 23.04
C ASP B 110 -6.10 -9.98 21.81
N ASN B 111 -6.05 -8.65 21.88
CA ASN B 111 -6.46 -7.83 20.75
C ASN B 111 -5.38 -7.71 19.67
N THR B 112 -5.79 -7.37 18.46
CA THR B 112 -4.85 -7.24 17.35
C THR B 112 -4.74 -5.79 16.93
N TYR B 113 -3.51 -5.37 16.67
CA TYR B 113 -3.24 -3.99 16.26
C TYR B 113 -2.46 -3.85 14.97
N SER B 114 -2.91 -2.97 14.10
CA SER B 114 -2.17 -2.67 12.87
C SER B 114 -1.19 -1.59 13.34
N LEU B 115 0.04 -1.63 12.82
CA LEU B 115 1.04 -0.65 13.21
C LEU B 115 0.60 0.78 12.86
N GLU B 116 -0.23 0.92 11.83
CA GLU B 116 -0.69 2.24 11.42
C GLU B 116 -1.41 3.05 12.50
N LEU B 117 -2.06 2.37 13.44
CA LEU B 117 -2.83 3.05 14.49
C LEU B 117 -1.99 3.92 15.43
N PHE B 118 -0.79 3.48 15.75
CA PHE B 118 0.07 4.21 16.66
C PHE B 118 0.43 5.60 16.16
N GLN B 119 0.73 5.70 14.87
CA GLN B 119 1.07 6.97 14.27
C GLN B 119 -0.11 7.92 14.45
N GLU B 120 -1.31 7.36 14.43
CA GLU B 120 -2.55 8.14 14.61
C GLU B 120 -2.71 8.64 16.04
N MET B 121 -2.71 7.73 17.01
CA MET B 121 -2.91 8.12 18.41
C MET B 121 -1.77 8.94 19.00
N ARG B 122 -0.61 8.89 18.35
CA ARG B 122 0.57 9.63 18.81
C ARG B 122 0.29 11.11 19.06
N THR B 123 -0.42 11.74 18.13
CA THR B 123 -0.74 13.17 18.20
C THR B 123 -1.98 13.56 18.99
N THR B 124 -2.53 12.63 19.77
CA THR B 124 -3.72 12.91 20.57
C THR B 124 -3.47 14.08 21.54
N ARG B 125 -4.37 15.06 21.54
CA ARG B 125 -4.25 16.22 22.41
C ARG B 125 -5.13 16.05 23.65
N LYS B 126 -6.36 15.62 23.42
CA LYS B 126 -7.31 15.39 24.49
C LYS B 126 -7.72 13.94 24.46
N VAL B 127 -8.65 13.61 23.57
CA VAL B 127 -9.09 12.23 23.42
C VAL B 127 -9.35 11.96 21.95
N SER B 128 -8.79 10.86 21.44
CA SER B 128 -8.99 10.50 20.05
C SER B 128 -9.77 9.18 19.96
N VAL B 129 -10.45 8.98 18.84
CA VAL B 129 -11.25 7.77 18.66
C VAL B 129 -11.08 7.18 17.28
N TRP B 130 -11.46 5.91 17.16
CA TRP B 130 -11.36 5.21 15.90
C TRP B 130 -12.24 3.96 15.88
N PRO B 131 -12.46 3.41 14.70
CA PRO B 131 -13.26 2.20 14.51
C PRO B 131 -12.60 1.00 15.16
N VAL B 132 -13.41 0.07 15.64
CA VAL B 132 -12.90 -1.15 16.28
C VAL B 132 -13.58 -2.34 15.62
N GLY B 133 -12.79 -3.27 15.11
CA GLY B 133 -13.34 -4.43 14.45
C GLY B 133 -13.75 -5.59 15.35
N LEU B 134 -14.75 -6.34 14.88
CA LEU B 134 -15.24 -7.53 15.55
C LEU B 134 -15.67 -7.35 17.00
N VAL B 135 -16.54 -6.37 17.23
CA VAL B 135 -17.02 -6.06 18.58
C VAL B 135 -18.52 -5.73 18.54
N GLY B 136 -19.21 -5.93 19.66
CA GLY B 136 -20.64 -5.62 19.72
C GLY B 136 -21.55 -6.37 18.76
N GLY B 137 -21.21 -7.61 18.47
CA GLY B 137 -22.04 -8.43 17.58
C GLY B 137 -22.02 -8.00 16.12
N ARG B 138 -21.06 -7.17 15.74
CA ARG B 138 -20.93 -6.68 14.36
C ARG B 138 -19.50 -6.79 13.81
N ARG B 139 -19.34 -6.53 12.51
CA ARG B 139 -18.03 -6.56 11.86
C ARG B 139 -17.16 -5.43 12.44
N TYR B 140 -17.80 -4.35 12.89
CA TYR B 140 -17.08 -3.21 13.49
C TYR B 140 -18.08 -2.25 14.11
N GLU B 141 -17.56 -1.36 14.95
CA GLU B 141 -18.33 -0.29 15.58
C GLU B 141 -17.44 0.91 15.24
N ARG B 142 -18.01 2.10 15.23
CA ARG B 142 -17.21 3.27 14.91
C ARG B 142 -17.95 4.53 15.24
N PRO B 143 -17.21 5.63 15.42
CA PRO B 143 -17.84 6.91 15.72
C PRO B 143 -18.34 7.43 14.37
N LEU B 144 -19.42 8.19 14.37
CA LEU B 144 -19.90 8.77 13.12
C LEU B 144 -19.26 10.14 13.06
N VAL B 145 -18.61 10.46 11.94
CA VAL B 145 -17.91 11.73 11.78
C VAL B 145 -18.47 12.58 10.65
N GLU B 146 -18.69 13.87 10.94
CA GLU B 146 -19.18 14.81 9.94
C GLU B 146 -18.41 16.12 10.09
N ASN B 147 -17.71 16.51 9.04
CA ASN B 147 -16.91 17.75 9.07
C ASN B 147 -15.88 17.70 10.19
N GLY B 148 -15.10 16.62 10.21
CA GLY B 148 -14.07 16.45 11.22
C GLY B 148 -14.57 16.33 12.66
N LYS B 149 -15.88 16.21 12.84
CA LYS B 149 -16.41 16.11 14.20
C LYS B 149 -17.21 14.83 14.43
N VAL B 150 -17.14 14.32 15.65
CA VAL B 150 -17.90 13.13 16.01
C VAL B 150 -19.33 13.59 16.27
N VAL B 151 -20.28 13.09 15.50
CA VAL B 151 -21.67 13.48 15.64
C VAL B 151 -22.59 12.34 16.05
N GLY B 152 -22.01 11.15 16.24
CA GLY B 152 -22.82 10.00 16.62
C GLY B 152 -22.01 8.74 16.79
N TRP B 153 -22.70 7.61 16.90
CA TRP B 153 -22.05 6.32 17.07
C TRP B 153 -22.74 5.22 16.29
N TYR B 154 -21.91 4.35 15.71
CA TYR B 154 -22.41 3.19 14.99
C TYR B 154 -22.10 2.02 15.91
N THR B 155 -23.16 1.47 16.50
CA THR B 155 -23.06 0.35 17.42
C THR B 155 -24.48 -0.17 17.64
N GLY B 156 -24.60 -1.46 17.85
CA GLY B 156 -25.92 -2.03 18.07
C GLY B 156 -26.23 -2.11 19.55
N TRP B 157 -25.36 -1.56 20.40
CA TRP B 157 -25.54 -1.61 21.85
C TRP B 157 -25.49 -0.27 22.59
N ARG B 158 -26.53 -0.03 23.38
CA ARG B 158 -26.66 1.18 24.17
C ARG B 158 -26.13 2.41 23.43
N ALA B 159 -26.67 2.59 22.23
CA ALA B 159 -26.29 3.71 21.37
C ALA B 159 -26.55 5.07 22.00
N ASP B 160 -27.36 5.12 23.03
CA ASP B 160 -27.66 6.39 23.69
C ASP B 160 -26.59 6.85 24.68
N ARG B 161 -25.55 6.04 24.88
CA ARG B 161 -24.46 6.42 25.78
C ARG B 161 -23.84 7.71 25.23
N PRO B 162 -23.38 8.60 26.13
CA PRO B 162 -22.77 9.83 25.60
C PRO B 162 -21.57 9.44 24.74
N PHE B 163 -20.90 8.37 25.14
CA PHE B 163 -19.75 7.83 24.41
C PHE B 163 -20.02 6.34 24.22
N ALA B 164 -20.74 6.02 23.15
CA ALA B 164 -21.11 4.64 22.87
C ALA B 164 -19.96 4.00 22.12
N ILE B 165 -18.87 3.75 22.85
CA ILE B 165 -17.67 3.20 22.24
C ILE B 165 -17.06 2.07 23.07
N ASP B 166 -16.20 1.29 22.43
CA ASP B 166 -15.53 0.16 23.07
C ASP B 166 -14.19 0.61 23.65
N MET B 167 -13.72 -0.10 24.67
CA MET B 167 -12.47 0.20 25.35
C MET B 167 -11.27 0.30 24.39
N ALA B 168 -11.26 -0.53 23.35
CA ALA B 168 -10.14 -0.52 22.41
C ALA B 168 -10.26 0.56 21.35
N GLY B 169 -11.28 1.41 21.46
CA GLY B 169 -11.47 2.44 20.44
C GLY B 169 -11.08 3.87 20.73
N PHE B 170 -10.29 4.11 21.76
CA PHE B 170 -9.90 5.49 22.05
C PHE B 170 -8.56 5.62 22.78
N ALA B 171 -8.01 6.82 22.75
CA ALA B 171 -6.75 7.12 23.42
C ALA B 171 -6.92 8.45 24.13
N VAL B 172 -6.25 8.61 25.28
CA VAL B 172 -6.34 9.84 26.04
C VAL B 172 -4.94 10.38 26.32
N SER B 173 -4.75 11.67 26.08
CA SER B 173 -3.45 12.30 26.30
C SER B 173 -3.08 12.17 27.78
N LEU B 174 -1.78 12.14 28.05
CA LEU B 174 -1.31 12.02 29.43
C LEU B 174 -1.76 13.22 30.26
N GLN B 175 -1.82 14.40 29.63
CA GLN B 175 -2.23 15.60 30.35
C GLN B 175 -3.69 15.53 30.81
N VAL B 176 -4.55 14.94 29.98
CA VAL B 176 -5.96 14.82 30.36
C VAL B 176 -6.07 13.91 31.58
N ILE B 177 -5.29 12.83 31.61
CA ILE B 177 -5.31 11.89 32.73
C ILE B 177 -4.82 12.54 34.02
N LEU B 178 -3.80 13.40 33.90
CA LEU B 178 -3.25 14.08 35.07
C LEU B 178 -4.21 15.16 35.57
N SER B 179 -4.76 15.94 34.65
CA SER B 179 -5.68 17.01 35.01
C SER B 179 -6.95 16.51 35.71
N ASN B 180 -7.28 15.25 35.48
CA ASN B 180 -8.45 14.63 36.08
C ASN B 180 -8.01 13.45 36.92
N PRO B 181 -7.29 13.71 38.03
CA PRO B 181 -6.79 12.67 38.93
C PRO B 181 -7.84 11.75 39.57
N LYS B 182 -9.09 12.18 39.61
CA LYS B 182 -10.13 11.35 40.22
C LYS B 182 -10.93 10.54 39.21
N ALA B 183 -10.63 10.72 37.93
CA ALA B 183 -11.33 10.00 36.88
C ALA B 183 -10.77 8.59 36.72
N VAL B 184 -11.54 7.59 37.09
CA VAL B 184 -11.13 6.19 36.99
C VAL B 184 -12.32 5.36 36.50
N PHE B 185 -12.09 4.09 36.21
CA PHE B 185 -13.17 3.23 35.76
C PHE B 185 -13.93 2.74 36.98
N LYS B 186 -15.26 2.73 36.90
CA LYS B 186 -16.08 2.29 38.03
C LYS B 186 -16.75 0.94 37.85
N ARG B 187 -16.35 -0.01 38.68
CA ARG B 187 -16.90 -1.35 38.68
C ARG B 187 -18.30 -1.30 39.28
N ARG B 188 -18.50 -0.35 40.19
CA ARG B 188 -19.78 -0.17 40.86
C ARG B 188 -20.92 0.12 39.89
N GLY B 189 -20.57 0.30 38.62
CA GLY B 189 -21.58 0.56 37.61
C GLY B 189 -22.61 -0.55 37.52
N SER B 190 -23.74 -0.35 38.18
CA SER B 190 -24.82 -1.34 38.18
C SER B 190 -25.33 -1.56 36.76
N GLN B 191 -25.25 -0.52 35.95
CA GLN B 191 -25.68 -0.60 34.57
C GLN B 191 -24.53 -1.12 33.72
N PRO B 192 -24.71 -2.31 33.12
CA PRO B 192 -23.70 -2.95 32.28
C PRO B 192 -23.34 -2.15 31.04
N GLY B 193 -22.15 -2.39 30.51
CA GLY B 193 -21.68 -1.70 29.32
C GLY B 193 -21.48 -0.21 29.42
N MET B 194 -21.36 0.31 30.64
CA MET B 194 -21.17 1.76 30.82
C MET B 194 -19.77 2.20 31.23
N GLN B 195 -18.84 1.25 31.40
CA GLN B 195 -17.49 1.60 31.80
C GLN B 195 -16.84 2.69 30.96
N GLU B 196 -16.72 2.45 29.65
CA GLU B 196 -16.11 3.43 28.78
C GLU B 196 -16.78 4.79 28.85
N SER B 197 -18.11 4.80 28.70
CA SER B 197 -18.85 6.06 28.71
C SER B 197 -18.75 6.85 30.01
N ASP B 198 -18.88 6.17 31.16
CA ASP B 198 -18.78 6.87 32.45
C ASP B 198 -17.40 7.49 32.64
N PHE B 199 -16.36 6.80 32.18
CA PHE B 199 -15.00 7.29 32.29
C PHE B 199 -14.83 8.56 31.46
N LEU B 200 -15.01 8.43 30.14
CA LEU B 200 -14.85 9.53 29.20
C LEU B 200 -15.71 10.76 29.50
N LYS B 201 -16.90 10.53 30.06
CA LYS B 201 -17.81 11.62 30.37
C LYS B 201 -17.16 12.66 31.28
N GLN B 202 -16.44 12.20 32.30
CA GLN B 202 -15.77 13.09 33.24
C GLN B 202 -14.36 13.44 32.79
N ILE B 203 -14.12 13.34 31.49
CA ILE B 203 -12.79 13.60 30.96
C ILE B 203 -12.82 14.49 29.71
N THR B 204 -13.90 14.41 28.94
CA THR B 204 -14.01 15.16 27.71
C THR B 204 -15.46 15.23 27.25
N THR B 205 -15.69 15.86 26.11
CA THR B 205 -17.02 15.98 25.54
C THR B 205 -16.96 15.43 24.12
N VAL B 206 -18.12 15.08 23.57
CA VAL B 206 -18.17 14.54 22.22
C VAL B 206 -17.60 15.51 21.19
N GLU B 207 -17.85 16.80 21.40
CA GLU B 207 -17.37 17.82 20.49
C GLU B 207 -15.85 17.94 20.49
N GLU B 208 -15.21 17.54 21.57
CA GLU B 208 -13.75 17.60 21.69
C GLU B 208 -13.02 16.36 21.16
N LEU B 209 -13.75 15.28 20.90
CA LEU B 209 -13.14 14.06 20.42
C LEU B 209 -12.41 14.27 19.10
N GLU B 210 -11.23 13.66 18.98
CA GLU B 210 -10.40 13.77 17.78
C GLU B 210 -10.51 12.49 16.96
N PRO B 211 -11.28 12.53 15.85
CA PRO B 211 -11.47 11.36 14.98
C PRO B 211 -10.19 10.93 14.27
N LYS B 212 -9.89 9.64 14.31
CA LYS B 212 -8.69 9.10 13.68
C LYS B 212 -9.08 8.07 12.62
N ALA B 213 -8.07 7.45 12.03
CA ALA B 213 -8.29 6.42 11.01
C ALA B 213 -9.09 6.91 9.81
N ASN B 214 -8.65 8.01 9.23
CA ASN B 214 -9.31 8.60 8.06
C ASN B 214 -10.77 8.95 8.34
N ASN B 215 -10.98 9.78 9.35
CA ASN B 215 -12.33 10.21 9.77
C ASN B 215 -13.18 8.99 10.12
N CYS B 216 -12.56 8.08 10.85
CA CYS B 216 -13.20 6.86 11.30
C CYS B 216 -13.82 6.01 10.20
N THR B 217 -13.06 5.76 9.15
CA THR B 217 -13.53 4.93 8.05
C THR B 217 -12.63 3.72 7.81
N LYS B 218 -11.58 3.57 8.63
CA LYS B 218 -10.68 2.42 8.51
C LYS B 218 -10.57 1.68 9.85
N VAL B 219 -10.49 0.35 9.79
CA VAL B 219 -10.38 -0.47 11.00
C VAL B 219 -8.91 -0.88 11.19
N LEU B 220 -8.30 -0.38 12.27
CA LEU B 220 -6.89 -0.64 12.56
C LEU B 220 -6.64 -1.45 13.84
N VAL B 221 -7.70 -1.79 14.54
CA VAL B 221 -7.62 -2.59 15.75
C VAL B 221 -8.79 -3.58 15.71
N TRP B 222 -8.59 -4.76 16.26
CA TRP B 222 -9.63 -5.78 16.26
C TRP B 222 -9.68 -6.57 17.55
N HIS B 223 -10.89 -6.97 17.93
CA HIS B 223 -11.05 -7.81 19.08
C HIS B 223 -10.86 -9.23 18.57
N THR B 224 -10.02 -9.99 19.25
CA THR B 224 -9.76 -11.36 18.88
C THR B 224 -9.58 -12.12 20.19
N ARG B 225 -10.13 -13.31 20.25
CA ARG B 225 -10.02 -14.13 21.44
C ARG B 225 -9.68 -15.52 20.97
N THR B 226 -8.80 -16.21 21.70
CA THR B 226 -8.43 -17.56 21.35
C THR B 226 -9.43 -18.50 22.00
N GLU B 227 -9.79 -19.56 21.30
CA GLU B 227 -10.74 -20.53 21.82
C GLU B 227 -10.16 -21.19 23.07
N LYS B 228 -11.03 -21.80 23.87
CA LYS B 228 -10.56 -22.49 25.07
C LYS B 228 -9.64 -23.61 24.62
N VAL B 229 -8.50 -23.73 25.26
CA VAL B 229 -7.54 -24.78 24.92
C VAL B 229 -8.07 -26.17 25.29
N ASN B 230 -7.96 -27.11 24.37
CA ASN B 230 -8.41 -28.48 24.60
C ASN B 230 -7.31 -29.26 25.30
N LEU B 231 -7.62 -29.82 26.48
CA LEU B 231 -6.65 -30.60 27.23
C LEU B 231 -7.18 -31.99 27.56
N ALA B 232 -8.09 -32.47 26.73
CA ALA B 232 -8.70 -33.78 26.90
C ALA B 232 -7.71 -34.93 26.78
N ASN B 233 -6.46 -34.62 26.44
CA ASN B 233 -5.43 -35.64 26.29
C ASN B 233 -4.24 -35.39 27.20
N GLU B 234 -4.37 -34.36 28.04
CA GLU B 234 -3.30 -34.01 28.97
C GLU B 234 -3.16 -35.15 29.98
N PRO B 235 -1.99 -35.81 29.99
CA PRO B 235 -1.71 -36.93 30.89
C PRO B 235 -2.05 -36.65 32.35
N LYS B 236 -2.82 -37.54 32.95
CA LYS B 236 -3.21 -37.41 34.34
C LYS B 236 -2.07 -37.86 35.24
N TYR B 237 -1.82 -39.15 35.26
CA TYR B 237 -0.76 -39.71 36.09
C TYR B 237 0.61 -39.36 35.52
N HIS B 238 1.17 -40.28 34.75
CA HIS B 238 2.50 -40.10 34.15
C HIS B 238 2.62 -38.72 33.51
N LEU B 239 3.86 -38.28 33.33
CA LEU B 239 4.12 -36.98 32.73
C LEU B 239 5.47 -36.95 32.03
N ASP B 240 5.88 -35.76 31.60
CA ASP B 240 7.15 -35.56 30.92
C ASP B 240 8.21 -35.41 32.00
N THR B 241 9.40 -35.93 31.77
CA THR B 241 10.47 -35.83 32.75
C THR B 241 10.98 -34.40 32.85
N VAL B 242 10.83 -33.63 31.77
CA VAL B 242 11.29 -32.25 31.72
C VAL B 242 10.14 -31.27 31.91
N LYS B 243 10.40 -30.17 32.60
CA LYS B 243 9.38 -29.16 32.83
C LYS B 243 9.36 -28.23 31.62
N ILE B 244 8.18 -28.07 31.02
CA ILE B 244 8.05 -27.20 29.86
C ILE B 244 7.02 -26.11 30.11
N GLU B 245 7.45 -24.86 29.96
CA GLU B 245 6.55 -23.74 30.14
C GLU B 245 5.90 -23.40 28.81
N VAL B 246 4.57 -23.31 28.81
CA VAL B 246 3.83 -22.98 27.61
C VAL B 246 3.09 -21.64 27.78
N GLN C 1 16.46 23.65 8.54
CA GLN C 1 15.06 23.55 8.04
C GLN C 1 14.93 22.58 6.86
N LEU C 2 13.69 22.37 6.43
CA LEU C 2 13.39 21.46 5.31
C LEU C 2 14.18 21.82 4.07
N PRO C 3 15.09 20.93 3.62
CA PRO C 3 15.90 21.18 2.43
C PRO C 3 15.03 21.46 1.20
N THR C 4 15.42 22.44 0.41
CA THR C 4 14.69 22.79 -0.80
C THR C 4 15.12 21.88 -1.95
N ILE C 5 14.14 21.37 -2.69
CA ILE C 5 14.42 20.50 -3.83
C ILE C 5 14.33 21.30 -5.12
N TYR C 6 15.43 21.39 -5.85
CA TYR C 6 15.41 22.13 -7.12
C TYR C 6 15.29 21.18 -8.31
N ALA C 7 14.20 21.34 -9.06
CA ALA C 7 13.97 20.53 -10.25
C ALA C 7 14.41 21.32 -11.48
N ILE C 8 15.45 20.83 -12.15
CA ILE C 8 15.96 21.46 -13.37
C ILE C 8 15.22 20.82 -14.52
N THR C 9 14.35 21.58 -15.18
CA THR C 9 13.57 21.03 -16.27
C THR C 9 13.75 21.69 -17.63
N PRO C 10 14.43 21.02 -18.57
CA PRO C 10 14.60 21.64 -19.89
C PRO C 10 13.30 21.37 -20.66
N THR C 11 12.91 22.30 -21.53
CA THR C 11 11.69 22.13 -22.30
C THR C 11 11.84 22.82 -23.65
N TYR C 12 10.94 22.50 -24.59
CA TYR C 12 10.98 23.13 -25.89
C TYR C 12 9.58 23.14 -26.50
N SER C 13 9.33 24.11 -27.38
CA SER C 13 8.03 24.27 -28.00
C SER C 13 7.63 23.16 -28.95
N ARG C 14 6.43 22.65 -28.73
CA ARG C 14 5.87 21.57 -29.54
C ARG C 14 4.41 21.42 -29.16
N PRO C 15 3.61 20.72 -29.98
CA PRO C 15 2.19 20.50 -29.73
C PRO C 15 1.80 20.03 -28.33
N VAL C 16 2.54 19.07 -27.78
CA VAL C 16 2.21 18.54 -26.45
C VAL C 16 2.87 19.26 -25.29
N GLN C 17 3.75 20.21 -25.57
CA GLN C 17 4.44 20.92 -24.50
C GLN C 17 3.55 21.34 -23.33
N LYS C 18 2.50 22.11 -23.62
CA LYS C 18 1.62 22.57 -22.55
C LYS C 18 0.98 21.42 -21.78
N ALA C 19 0.58 20.38 -22.49
CA ALA C 19 -0.04 19.23 -21.83
C ALA C 19 0.97 18.59 -20.88
N GLU C 20 2.17 18.31 -21.39
CA GLU C 20 3.24 17.69 -20.61
C GLU C 20 3.62 18.52 -19.39
N LEU C 21 3.70 19.84 -19.56
CA LEU C 21 4.07 20.71 -18.44
C LEU C 21 2.95 20.74 -17.40
N THR C 22 1.71 20.62 -17.86
CA THR C 22 0.57 20.66 -16.96
C THR C 22 0.53 19.47 -15.99
N ARG C 23 0.69 18.25 -16.51
CA ARG C 23 0.64 17.10 -15.60
C ARG C 23 1.89 16.95 -14.75
N LEU C 24 3.03 17.45 -15.23
CA LEU C 24 4.25 17.37 -14.43
C LEU C 24 4.06 18.34 -13.27
N ALA C 25 3.52 19.52 -13.57
CA ALA C 25 3.25 20.53 -12.54
C ALA C 25 2.24 20.00 -11.53
N ASN C 26 1.27 19.23 -12.02
CA ASN C 26 0.25 18.67 -11.14
C ASN C 26 0.92 17.77 -10.10
N THR C 27 2.06 17.17 -10.48
CA THR C 27 2.80 16.30 -9.56
C THR C 27 3.68 17.16 -8.64
N PHE C 28 4.50 18.01 -9.24
CA PHE C 28 5.41 18.86 -8.48
C PHE C 28 4.70 19.77 -7.49
N ARG C 29 3.48 20.16 -7.82
CA ARG C 29 2.70 21.05 -6.97
C ARG C 29 2.45 20.45 -5.59
N GLN C 30 2.48 19.13 -5.51
CA GLN C 30 2.23 18.41 -4.26
C GLN C 30 3.48 18.12 -3.44
N VAL C 31 4.62 18.66 -3.85
CA VAL C 31 5.87 18.42 -3.13
C VAL C 31 6.22 19.67 -2.35
N ALA C 32 6.44 19.52 -1.05
CA ALA C 32 6.79 20.64 -0.20
C ALA C 32 8.18 21.16 -0.51
N GLN C 33 8.35 22.47 -0.45
CA GLN C 33 9.66 23.10 -0.70
C GLN C 33 10.37 22.59 -1.94
N LEU C 34 9.69 22.67 -3.08
CA LEU C 34 10.28 22.26 -4.34
C LEU C 34 10.23 23.46 -5.24
N HIS C 35 11.39 23.86 -5.75
CA HIS C 35 11.50 25.01 -6.63
C HIS C 35 11.79 24.54 -8.06
N TRP C 36 10.86 24.84 -8.96
CA TRP C 36 10.95 24.44 -10.35
C TRP C 36 11.74 25.41 -11.24
N ILE C 37 12.84 24.93 -11.81
CA ILE C 37 13.65 25.74 -12.69
C ILE C 37 13.37 25.27 -14.11
N LEU C 38 12.44 25.95 -14.78
CA LEU C 38 12.07 25.59 -16.14
C LEU C 38 12.95 26.36 -17.13
N VAL C 39 13.64 25.62 -18.00
CA VAL C 39 14.52 26.22 -18.98
C VAL C 39 14.09 25.96 -20.42
N GLU C 40 13.58 26.99 -21.07
CA GLU C 40 13.15 26.86 -22.45
C GLU C 40 14.33 26.79 -23.40
N ASP C 41 14.22 25.92 -24.41
CA ASP C 41 15.27 25.82 -25.41
C ASP C 41 14.83 26.84 -26.47
N ALA C 42 15.22 28.09 -26.27
CA ALA C 42 14.85 29.15 -27.19
C ALA C 42 15.71 30.38 -26.93
N ALA C 43 15.79 31.28 -27.91
CA ALA C 43 16.59 32.49 -27.77
C ALA C 43 15.87 33.53 -26.91
N ALA C 44 14.59 33.30 -26.67
CA ALA C 44 13.79 34.20 -25.85
C ALA C 44 12.68 33.43 -25.18
N ARG C 45 12.23 33.90 -24.03
CA ARG C 45 11.15 33.26 -23.31
C ARG C 45 9.85 33.34 -24.10
N SER C 46 9.04 32.29 -24.01
CA SER C 46 7.77 32.26 -24.72
C SER C 46 6.66 32.72 -23.78
N GLU C 47 5.61 33.29 -24.36
CA GLU C 47 4.49 33.76 -23.55
C GLU C 47 3.71 32.57 -22.98
N LEU C 48 3.64 31.49 -23.75
CA LEU C 48 2.93 30.29 -23.32
C LEU C 48 3.52 29.76 -22.01
N VAL C 49 4.84 29.70 -21.91
CA VAL C 49 5.48 29.22 -20.70
C VAL C 49 5.43 30.27 -19.60
N SER C 50 5.56 31.55 -19.97
CA SER C 50 5.50 32.61 -18.97
C SER C 50 4.12 32.64 -18.33
N ARG C 51 3.10 32.43 -19.15
CA ARG C 51 1.72 32.42 -18.65
C ARG C 51 1.46 31.15 -17.84
N PHE C 52 1.82 30.00 -18.41
CA PHE C 52 1.62 28.72 -17.74
C PHE C 52 2.18 28.73 -16.32
N LEU C 53 3.43 29.16 -16.19
CA LEU C 53 4.08 29.22 -14.89
C LEU C 53 3.38 30.19 -13.96
N ALA C 54 2.82 31.25 -14.55
CA ALA C 54 2.12 32.26 -13.77
C ALA C 54 0.86 31.69 -13.15
N ARG C 55 0.16 30.83 -13.89
CA ARG C 55 -1.07 30.23 -13.40
C ARG C 55 -0.84 28.78 -12.96
N ALA C 56 0.40 28.32 -13.05
CA ALA C 56 0.74 26.95 -12.66
C ALA C 56 0.60 26.78 -11.15
N GLY C 57 0.89 27.85 -10.41
CA GLY C 57 0.78 27.79 -8.97
C GLY C 57 2.12 27.73 -8.26
N LEU C 58 2.71 26.54 -8.21
CA LEU C 58 3.99 26.31 -7.56
C LEU C 58 5.05 27.33 -7.94
N PRO C 59 6.03 27.56 -7.05
CA PRO C 59 7.11 28.52 -7.30
C PRO C 59 8.05 28.01 -8.38
N SER C 60 8.58 28.93 -9.19
CA SER C 60 9.48 28.55 -10.25
C SER C 60 10.39 29.68 -10.70
N THR C 61 11.36 29.32 -11.53
CA THR C 61 12.32 30.26 -12.10
C THR C 61 12.28 30.01 -13.60
N HIS C 62 11.95 31.04 -14.35
CA HIS C 62 11.84 30.96 -15.81
C HIS C 62 13.15 31.37 -16.49
N LEU C 63 13.82 30.41 -17.10
CA LEU C 63 15.07 30.68 -17.80
C LEU C 63 14.93 30.26 -19.26
N HIS C 64 15.91 30.65 -20.07
CA HIS C 64 15.88 30.31 -21.49
C HIS C 64 17.28 30.34 -22.06
N VAL C 65 17.55 29.45 -23.00
CA VAL C 65 18.84 29.37 -23.66
C VAL C 65 18.67 28.46 -24.87
N PRO C 66 19.05 28.94 -26.06
CA PRO C 66 18.91 28.15 -27.28
C PRO C 66 20.05 27.14 -27.47
N THR C 67 19.71 26.00 -28.04
CA THR C 67 20.70 24.97 -28.31
C THR C 67 21.15 25.16 -29.76
N PRO C 68 22.46 25.42 -29.98
CA PRO C 68 23.02 25.62 -31.32
C PRO C 68 22.79 24.42 -32.24
N ARG C 69 23.41 24.43 -33.42
CA ARG C 69 23.26 23.35 -34.39
C ARG C 69 23.44 21.93 -33.83
N ARG C 70 22.31 21.25 -33.61
CA ARG C 70 22.28 19.90 -33.09
C ARG C 70 20.90 19.28 -33.27
N GLY C 75 20.41 12.40 -33.66
CA GLY C 75 21.15 11.42 -32.91
C GLY C 75 21.96 12.01 -31.77
N LEU C 76 22.02 13.33 -31.72
CA LEU C 76 22.77 14.01 -30.66
C LEU C 76 21.87 14.28 -29.46
N PRO C 77 22.44 14.28 -28.25
CA PRO C 77 21.67 14.54 -27.03
C PRO C 77 21.14 15.97 -26.98
N ARG C 78 20.12 16.19 -26.17
CA ARG C 78 19.57 17.53 -26.05
C ARG C 78 19.47 17.95 -24.60
N ALA C 79 19.20 19.24 -24.40
CA ALA C 79 19.05 19.83 -23.07
C ALA C 79 20.37 20.15 -22.40
N THR C 80 21.49 19.79 -23.03
CA THR C 80 22.80 20.08 -22.43
C THR C 80 22.87 21.54 -22.00
N GLU C 81 22.61 22.45 -22.94
CA GLU C 81 22.66 23.88 -22.67
C GLU C 81 21.65 24.32 -21.60
N GLN C 82 20.44 23.79 -21.70
CA GLN C 82 19.38 24.13 -20.76
C GLN C 82 19.68 23.65 -19.33
N ARG C 83 20.24 22.45 -19.20
CA ARG C 83 20.56 21.94 -17.86
C ARG C 83 21.71 22.79 -17.27
N ASN C 84 22.68 23.15 -18.09
CA ASN C 84 23.79 23.96 -17.61
C ASN C 84 23.33 25.35 -17.14
N ALA C 85 22.31 25.89 -17.78
CA ALA C 85 21.80 27.19 -17.37
C ALA C 85 21.17 27.04 -15.99
N GLY C 86 20.63 25.85 -15.72
CA GLY C 86 20.03 25.60 -14.43
C GLY C 86 21.11 25.62 -13.37
N LEU C 87 22.22 24.97 -13.67
CA LEU C 87 23.36 24.90 -12.76
C LEU C 87 24.01 26.26 -12.56
N ALA C 88 24.00 27.09 -13.61
CA ALA C 88 24.62 28.42 -13.50
C ALA C 88 23.75 29.31 -12.62
N TRP C 89 22.44 29.22 -12.81
CA TRP C 89 21.51 30.02 -12.04
C TRP C 89 21.63 29.68 -10.56
N LEU C 90 21.58 28.39 -10.25
CA LEU C 90 21.67 27.93 -8.88
C LEU C 90 22.97 28.39 -8.22
N ARG C 91 24.10 28.12 -8.87
CA ARG C 91 25.39 28.52 -8.31
C ARG C 91 25.53 30.03 -8.19
N GLN C 92 24.83 30.74 -9.07
CA GLN C 92 24.85 32.20 -9.08
C GLN C 92 23.93 32.76 -7.99
N ARG C 93 22.76 32.14 -7.83
CA ARG C 93 21.79 32.55 -6.82
C ARG C 93 22.35 32.28 -5.43
N HIS C 94 22.99 31.12 -5.29
CA HIS C 94 23.58 30.72 -4.01
C HIS C 94 25.05 31.07 -3.96
N GLN C 95 25.66 30.79 -2.81
CA GLN C 95 27.07 31.04 -2.56
C GLN C 95 27.33 30.63 -1.13
N HIS C 96 26.60 29.59 -0.70
CA HIS C 96 26.67 29.04 0.64
C HIS C 96 26.28 30.09 1.68
N GLN C 97 25.08 30.62 1.53
CA GLN C 97 24.53 31.65 2.43
C GLN C 97 24.76 31.31 3.90
N ARG C 98 23.98 30.35 4.40
CA ARG C 98 24.09 29.92 5.79
C ARG C 98 23.13 28.75 6.05
N ALA C 99 21.89 29.07 6.40
CA ALA C 99 20.88 28.05 6.66
C ALA C 99 20.06 27.86 5.39
N GLN C 100 20.67 27.25 4.37
CA GLN C 100 20.00 27.03 3.10
C GLN C 100 20.32 25.69 2.45
N PRO C 101 20.11 24.58 3.17
CA PRO C 101 20.39 23.25 2.61
C PRO C 101 19.42 22.94 1.48
N GLY C 102 19.90 22.18 0.49
CA GLY C 102 19.06 21.84 -0.64
C GLY C 102 19.61 20.72 -1.50
N VAL C 103 18.83 20.31 -2.49
CA VAL C 103 19.22 19.24 -3.39
C VAL C 103 18.60 19.50 -4.76
N LEU C 104 19.28 19.10 -5.83
CA LEU C 104 18.71 19.29 -7.16
C LEU C 104 18.72 17.97 -7.93
N PHE C 105 17.79 17.86 -8.87
CA PHE C 105 17.71 16.68 -9.71
C PHE C 105 17.29 17.17 -11.09
N PHE C 106 17.39 16.30 -12.09
CA PHE C 106 17.06 16.68 -13.46
C PHE C 106 15.82 15.96 -13.95
N ALA C 107 14.77 16.73 -14.21
CA ALA C 107 13.49 16.18 -14.66
C ALA C 107 13.07 16.68 -16.03
N ASP C 108 13.14 15.81 -17.03
CA ASP C 108 12.71 16.17 -18.36
C ASP C 108 11.23 16.48 -18.26
N ASP C 109 10.71 17.29 -19.19
CA ASP C 109 9.31 17.71 -19.11
C ASP C 109 8.24 16.67 -19.39
N ASP C 110 8.64 15.47 -19.81
CA ASP C 110 7.64 14.44 -20.08
C ASP C 110 7.86 13.17 -19.28
N ASN C 111 8.75 13.24 -18.30
CA ASN C 111 9.01 12.07 -17.47
C ASN C 111 8.00 11.98 -16.33
N THR C 112 7.77 10.77 -15.84
CA THR C 112 6.80 10.53 -14.78
C THR C 112 7.49 10.30 -13.43
N TYR C 113 6.91 10.89 -12.38
CA TYR C 113 7.47 10.78 -11.03
C TYR C 113 6.45 10.37 -9.98
N SER C 114 6.87 9.48 -9.09
CA SER C 114 6.04 9.07 -7.98
C SER C 114 6.39 10.08 -6.89
N LEU C 115 5.43 10.50 -6.08
CA LEU C 115 5.71 11.46 -5.00
C LEU C 115 6.70 10.87 -4.00
N GLU C 116 6.73 9.55 -3.89
CA GLU C 116 7.64 8.89 -2.97
C GLU C 116 9.13 9.21 -3.20
N LEU C 117 9.49 9.51 -4.45
CA LEU C 117 10.89 9.80 -4.78
C LEU C 117 11.43 11.09 -4.15
N PHE C 118 10.56 12.08 -3.94
CA PHE C 118 11.01 13.34 -3.39
C PHE C 118 11.48 13.25 -1.95
N GLN C 119 10.81 12.44 -1.13
CA GLN C 119 11.26 12.32 0.25
C GLN C 119 12.57 11.53 0.31
N GLU C 120 12.86 10.77 -0.75
CA GLU C 120 14.10 9.99 -0.83
C GLU C 120 15.27 10.93 -1.13
N MET C 121 15.11 11.78 -2.14
CA MET C 121 16.19 12.67 -2.51
C MET C 121 16.37 13.84 -1.54
N ARG C 122 15.32 14.17 -0.80
CA ARG C 122 15.34 15.26 0.16
C ARG C 122 16.58 15.30 1.05
N THR C 123 16.99 14.14 1.54
CA THR C 123 18.13 14.00 2.46
C THR C 123 19.50 13.76 1.84
N THR C 124 19.63 14.00 0.54
CA THR C 124 20.91 13.79 -0.12
C THR C 124 22.00 14.68 0.49
N ARG C 125 23.14 14.09 0.84
CA ARG C 125 24.27 14.83 1.41
C ARG C 125 25.31 15.14 0.34
N LYS C 126 25.51 14.20 -0.57
CA LYS C 126 26.47 14.38 -1.66
C LYS C 126 25.74 14.12 -2.98
N VAL C 127 25.68 12.85 -3.37
CA VAL C 127 24.99 12.43 -4.60
C VAL C 127 24.20 11.18 -4.29
N SER C 128 22.90 11.19 -4.59
CA SER C 128 22.05 10.01 -4.34
C SER C 128 21.57 9.41 -5.66
N VAL C 129 21.35 8.10 -5.68
CA VAL C 129 20.91 7.44 -6.90
C VAL C 129 19.77 6.47 -6.71
N TRP C 130 19.08 6.14 -7.80
CA TRP C 130 17.93 5.23 -7.77
C TRP C 130 17.61 4.63 -9.13
N PRO C 131 16.78 3.59 -9.16
CA PRO C 131 16.40 2.95 -10.42
C PRO C 131 15.59 3.90 -11.28
N VAL C 132 15.64 3.69 -12.60
CA VAL C 132 14.89 4.50 -13.56
C VAL C 132 14.14 3.54 -14.47
N GLY C 133 12.84 3.73 -14.61
CA GLY C 133 12.06 2.84 -15.47
C GLY C 133 11.99 3.23 -16.95
N LEU C 134 11.86 2.21 -17.80
CA LEU C 134 11.71 2.36 -19.26
C LEU C 134 12.81 3.20 -19.90
N VAL C 135 14.05 2.78 -19.72
CA VAL C 135 15.17 3.52 -20.27
C VAL C 135 16.26 2.56 -20.73
N GLY C 136 17.10 3.02 -21.66
CA GLY C 136 18.18 2.18 -22.15
C GLY C 136 17.73 0.87 -22.80
N GLY C 137 16.59 0.91 -23.48
CA GLY C 137 16.06 -0.27 -24.15
C GLY C 137 15.64 -1.40 -23.21
N ARG C 138 15.43 -1.07 -21.93
CA ARG C 138 15.03 -2.08 -20.94
C ARG C 138 13.84 -1.60 -20.09
N ARG C 139 13.30 -2.50 -19.27
CA ARG C 139 12.19 -2.16 -18.37
C ARG C 139 12.70 -1.12 -17.35
N TYR C 140 13.97 -1.22 -16.99
CA TYR C 140 14.60 -0.27 -16.06
C TYR C 140 16.10 -0.45 -16.05
N GLU C 141 16.78 0.54 -15.48
CA GLU C 141 18.22 0.50 -15.27
C GLU C 141 18.30 0.80 -13.77
N ARG C 142 19.39 0.39 -13.11
CA ARG C 142 19.51 0.69 -11.69
C ARG C 142 20.91 0.47 -11.20
N PRO C 143 21.27 1.12 -10.07
CA PRO C 143 22.62 0.92 -9.55
C PRO C 143 22.54 -0.44 -8.84
N LEU C 144 23.68 -1.12 -8.71
CA LEU C 144 23.71 -2.39 -8.01
C LEU C 144 24.26 -2.08 -6.63
N VAL C 145 23.54 -2.48 -5.58
CA VAL C 145 24.00 -2.18 -4.24
C VAL C 145 24.14 -3.38 -3.30
N GLU C 146 25.16 -3.31 -2.46
CA GLU C 146 25.44 -4.33 -1.46
C GLU C 146 25.95 -3.61 -0.22
N ASN C 147 25.43 -4.00 0.94
CA ASN C 147 25.82 -3.37 2.20
C ASN C 147 25.76 -1.85 2.11
N GLY C 148 24.69 -1.34 1.50
CA GLY C 148 24.51 0.09 1.38
C GLY C 148 25.48 0.83 0.49
N LYS C 149 26.23 0.08 -0.33
CA LYS C 149 27.19 0.70 -1.23
C LYS C 149 26.92 0.31 -2.69
N VAL C 150 27.10 1.25 -3.60
CA VAL C 150 26.91 0.97 -5.02
C VAL C 150 28.14 0.20 -5.46
N VAL C 151 27.95 -1.02 -5.94
CA VAL C 151 29.08 -1.83 -6.38
C VAL C 151 29.06 -2.11 -7.88
N GLY C 152 28.02 -1.64 -8.56
CA GLY C 152 27.93 -1.85 -10.00
C GLY C 152 26.72 -1.17 -10.61
N TRP C 153 26.45 -1.46 -11.87
CA TRP C 153 25.33 -0.86 -12.58
C TRP C 153 24.63 -1.86 -13.47
N TYR C 154 23.31 -1.79 -13.53
CA TYR C 154 22.51 -2.64 -14.38
C TYR C 154 22.05 -1.77 -15.54
N THR C 155 22.56 -2.06 -16.73
CA THR C 155 22.25 -1.31 -17.94
C THR C 155 22.86 -2.05 -19.11
N GLY C 156 22.20 -1.99 -20.26
CA GLY C 156 22.73 -2.66 -21.42
C GLY C 156 23.62 -1.75 -22.24
N TRP C 157 23.87 -0.54 -21.73
CA TRP C 157 24.66 0.47 -22.44
C TRP C 157 25.87 1.04 -21.71
N ARG C 158 27.03 0.96 -22.37
CA ARG C 158 28.30 1.44 -21.84
C ARG C 158 28.40 1.16 -20.35
N ALA C 159 28.28 -0.11 -19.98
CA ALA C 159 28.34 -0.48 -18.57
C ALA C 159 29.66 -0.17 -17.89
N ASP C 160 30.69 0.13 -18.68
CA ASP C 160 32.00 0.45 -18.13
C ASP C 160 32.19 1.92 -17.73
N ARG C 161 31.13 2.71 -17.87
CA ARG C 161 31.18 4.12 -17.47
C ARG C 161 31.39 4.17 -15.95
N PRO C 162 32.20 5.12 -15.46
CA PRO C 162 32.40 5.17 -14.00
C PRO C 162 31.05 5.33 -13.29
N PHE C 163 30.11 5.99 -13.96
CA PHE C 163 28.74 6.17 -13.44
C PHE C 163 27.80 5.83 -14.61
N ALA C 164 27.48 4.55 -14.75
CA ALA C 164 26.63 4.08 -15.84
C ALA C 164 25.17 4.24 -15.48
N ILE C 165 24.72 5.48 -15.49
CA ILE C 165 23.35 5.79 -15.10
C ILE C 165 22.72 6.83 -16.01
N ASP C 166 21.41 6.97 -15.90
CA ASP C 166 20.65 7.91 -16.70
C ASP C 166 20.46 9.23 -15.96
N MET C 167 20.22 10.29 -16.73
CA MET C 167 20.04 11.63 -16.17
C MET C 167 18.92 11.73 -15.15
N ALA C 168 17.91 10.87 -15.25
CA ALA C 168 16.80 10.91 -14.30
C ALA C 168 17.03 10.06 -13.06
N GLY C 169 18.22 9.48 -12.92
CA GLY C 169 18.47 8.60 -11.80
C GLY C 169 19.33 9.08 -10.65
N PHE C 170 19.54 10.39 -10.53
CA PHE C 170 20.37 10.90 -9.44
C PHE C 170 20.04 12.33 -9.02
N ALA C 171 20.49 12.69 -7.82
CA ALA C 171 20.30 14.01 -7.27
C ALA C 171 21.61 14.39 -6.61
N VAL C 172 21.92 15.68 -6.61
CA VAL C 172 23.16 16.16 -6.03
C VAL C 172 22.86 17.26 -5.01
N SER C 173 23.57 17.27 -3.89
CA SER C 173 23.34 18.30 -2.88
C SER C 173 23.81 19.65 -3.41
N LEU C 174 23.18 20.72 -2.93
CA LEU C 174 23.58 22.06 -3.34
C LEU C 174 25.02 22.30 -2.91
N GLN C 175 25.39 21.72 -1.78
CA GLN C 175 26.73 21.83 -1.20
C GLN C 175 27.79 21.31 -2.18
N VAL C 176 27.52 20.16 -2.78
CA VAL C 176 28.45 19.57 -3.74
C VAL C 176 28.51 20.39 -5.04
N ILE C 177 27.35 20.86 -5.50
CA ILE C 177 27.30 21.65 -6.73
C ILE C 177 28.05 22.98 -6.57
N LEU C 178 27.96 23.57 -5.38
CA LEU C 178 28.62 24.84 -5.11
C LEU C 178 30.11 24.66 -4.97
N SER C 179 30.51 23.51 -4.43
CA SER C 179 31.92 23.21 -4.22
C SER C 179 32.65 22.83 -5.50
N ASN C 180 31.91 22.61 -6.57
CA ASN C 180 32.49 22.27 -7.88
C ASN C 180 31.89 23.19 -8.92
N PRO C 181 32.25 24.49 -8.88
CA PRO C 181 31.73 25.47 -9.84
C PRO C 181 32.10 25.22 -11.30
N LYS C 182 33.12 24.41 -11.53
CA LYS C 182 33.56 24.12 -12.89
C LYS C 182 32.90 22.86 -13.48
N ALA C 183 32.14 22.14 -12.67
CA ALA C 183 31.49 20.93 -13.13
C ALA C 183 30.18 21.22 -13.85
N VAL C 184 30.17 21.00 -15.16
CA VAL C 184 28.98 21.23 -15.97
C VAL C 184 28.86 20.06 -16.95
N PHE C 185 27.76 20.00 -17.71
CA PHE C 185 27.63 18.93 -18.69
C PHE C 185 28.36 19.39 -19.92
N LYS C 186 29.10 18.48 -20.55
CA LYS C 186 29.89 18.76 -21.73
C LYS C 186 29.37 17.96 -22.91
N ARG C 187 28.93 18.67 -23.94
CA ARG C 187 28.39 18.03 -25.14
C ARG C 187 29.52 17.36 -25.91
N ARG C 188 30.64 18.06 -26.03
CA ARG C 188 31.80 17.56 -26.74
C ARG C 188 32.34 16.30 -26.05
N GLY C 189 31.56 15.24 -26.08
CA GLY C 189 31.96 13.99 -25.45
C GLY C 189 32.19 12.91 -26.47
N SER C 190 33.16 12.04 -26.19
CA SER C 190 33.50 10.93 -27.08
C SER C 190 32.26 10.15 -27.50
N GLN C 191 31.80 9.28 -26.61
CA GLN C 191 30.63 8.48 -26.87
C GLN C 191 29.42 9.39 -26.66
N PRO C 192 28.29 9.06 -27.31
CA PRO C 192 27.03 9.80 -27.25
C PRO C 192 26.32 9.75 -25.89
N GLY C 193 26.74 8.81 -25.04
CA GLY C 193 26.12 8.67 -23.74
C GLY C 193 27.05 8.81 -22.55
N MET C 194 27.91 9.83 -22.56
CA MET C 194 28.86 10.05 -21.48
C MET C 194 28.54 11.29 -20.63
N GLN C 195 27.44 11.97 -20.96
CA GLN C 195 27.04 13.19 -20.27
C GLN C 195 26.93 13.03 -18.76
N GLU C 196 26.12 12.08 -18.31
CA GLU C 196 25.96 11.84 -16.88
C GLU C 196 27.27 11.45 -16.21
N SER C 197 27.93 10.44 -16.78
CA SER C 197 29.18 9.96 -16.21
C SER C 197 30.31 10.99 -16.12
N ASP C 198 30.53 11.77 -17.18
CA ASP C 198 31.59 12.78 -17.16
C ASP C 198 31.32 13.85 -16.11
N PHE C 199 30.04 14.16 -15.91
CA PHE C 199 29.63 15.16 -14.94
C PHE C 199 29.87 14.65 -13.52
N LEU C 200 29.25 13.53 -13.19
CA LEU C 200 29.37 12.94 -11.88
C LEU C 200 30.81 12.66 -11.47
N LYS C 201 31.62 12.26 -12.46
CA LYS C 201 33.02 11.92 -12.21
C LYS C 201 33.84 13.03 -11.55
N GLN C 202 33.54 14.28 -11.85
CA GLN C 202 34.28 15.40 -11.27
C GLN C 202 33.58 15.94 -10.01
N ILE C 203 32.51 15.25 -9.62
CA ILE C 203 31.68 15.65 -8.49
C ILE C 203 31.69 14.73 -7.27
N THR C 204 31.82 13.42 -7.51
CA THR C 204 31.78 12.46 -6.41
C THR C 204 32.50 11.18 -6.83
N THR C 205 32.40 10.13 -6.01
CA THR C 205 33.01 8.85 -6.34
C THR C 205 31.90 7.84 -6.19
N VAL C 206 32.06 6.64 -6.76
CA VAL C 206 31.04 5.63 -6.63
C VAL C 206 30.80 5.24 -5.17
N GLU C 207 31.87 5.21 -4.37
CA GLU C 207 31.75 4.84 -2.96
C GLU C 207 30.95 5.85 -2.14
N GLU C 208 30.93 7.10 -2.56
CA GLU C 208 30.19 8.14 -1.83
C GLU C 208 28.71 8.21 -2.21
N LEU C 209 28.32 7.53 -3.29
CA LEU C 209 26.93 7.52 -3.74
C LEU C 209 25.99 7.02 -2.64
N GLU C 210 24.85 7.68 -2.49
CA GLU C 210 23.85 7.30 -1.49
C GLU C 210 22.68 6.59 -2.16
N PRO C 211 22.59 5.26 -2.02
CA PRO C 211 21.51 4.50 -2.63
C PRO C 211 20.13 4.79 -2.03
N LYS C 212 19.17 5.10 -2.90
CA LYS C 212 17.81 5.41 -2.45
C LYS C 212 16.86 4.36 -3.02
N ALA C 213 15.57 4.55 -2.75
CA ALA C 213 14.53 3.65 -3.24
C ALA C 213 14.74 2.19 -2.84
N ASN C 214 14.78 1.96 -1.53
CA ASN C 214 14.98 0.62 -0.96
C ASN C 214 16.20 -0.08 -1.52
N ASN C 215 17.36 0.53 -1.36
CA ASN C 215 18.61 -0.01 -1.85
C ASN C 215 18.54 -0.28 -3.35
N CYS C 216 17.92 0.66 -4.05
CA CYS C 216 17.76 0.59 -5.49
C CYS C 216 17.05 -0.65 -5.99
N THR C 217 15.89 -0.95 -5.41
CA THR C 217 15.10 -2.10 -5.84
C THR C 217 13.68 -1.64 -6.19
N LYS C 218 13.42 -0.34 -6.08
CA LYS C 218 12.08 0.18 -6.39
C LYS C 218 12.15 1.25 -7.49
N VAL C 219 11.23 1.19 -8.44
CA VAL C 219 11.18 2.16 -9.53
C VAL C 219 10.17 3.28 -9.22
N LEU C 220 10.68 4.48 -9.00
CA LEU C 220 9.85 5.63 -8.65
C LEU C 220 9.84 6.74 -9.70
N VAL C 221 10.58 6.54 -10.79
CA VAL C 221 10.62 7.53 -11.87
C VAL C 221 10.68 6.75 -13.18
N TRP C 222 10.04 7.27 -14.22
CA TRP C 222 10.00 6.57 -15.50
C TRP C 222 10.17 7.51 -16.68
N HIS C 223 10.73 7.01 -17.77
CA HIS C 223 10.85 7.83 -18.97
C HIS C 223 9.53 7.58 -19.69
N THR C 224 8.97 8.64 -20.24
CA THR C 224 7.71 8.55 -20.97
C THR C 224 7.78 9.68 -21.98
N ARG C 225 7.31 9.44 -23.19
CA ARG C 225 7.32 10.47 -24.22
C ARG C 225 6.05 10.30 -25.02
N THR C 226 5.47 11.41 -25.45
CA THR C 226 4.24 11.36 -26.23
C THR C 226 4.62 11.17 -27.69
N GLU C 227 3.86 10.32 -28.38
CA GLU C 227 4.10 10.08 -29.80
C GLU C 227 4.04 11.44 -30.51
N LYS C 228 4.46 11.47 -31.76
CA LYS C 228 4.41 12.71 -32.52
C LYS C 228 2.93 12.99 -32.79
N VAL C 229 2.51 14.23 -32.53
CA VAL C 229 1.12 14.62 -32.75
C VAL C 229 0.75 14.60 -34.23
N ASN C 230 -0.33 13.90 -34.55
CA ASN C 230 -0.81 13.80 -35.93
C ASN C 230 -1.66 15.00 -36.31
N LEU C 231 -1.09 15.89 -37.11
CA LEU C 231 -1.82 17.09 -37.53
C LEU C 231 -2.18 17.01 -39.02
N ALA C 232 -2.60 15.83 -39.47
CA ALA C 232 -2.96 15.63 -40.86
C ALA C 232 -4.23 16.42 -41.23
N ASN C 233 -5.30 16.16 -40.49
CA ASN C 233 -6.57 16.83 -40.72
C ASN C 233 -6.62 18.24 -40.15
N GLU C 234 -5.48 18.92 -40.14
CA GLU C 234 -5.42 20.28 -39.62
C GLU C 234 -5.61 21.30 -40.75
N PRO C 235 -6.78 21.95 -40.79
CA PRO C 235 -7.09 22.94 -41.83
C PRO C 235 -6.05 24.05 -41.91
N LYS C 236 -5.49 24.23 -43.11
CA LYS C 236 -4.47 25.26 -43.33
C LYS C 236 -5.11 26.49 -43.94
N TYR C 237 -6.21 26.30 -44.66
CA TYR C 237 -6.92 27.38 -45.31
C TYR C 237 -8.13 27.83 -44.47
N HIS C 238 -9.13 26.95 -44.38
CA HIS C 238 -10.33 27.24 -43.61
C HIS C 238 -10.09 27.16 -42.11
N LEU C 239 -9.37 28.16 -41.59
CA LEU C 239 -9.03 28.23 -40.17
C LEU C 239 -10.28 28.39 -39.30
N ASP C 240 -10.06 28.39 -37.99
CA ASP C 240 -11.15 28.54 -37.03
C ASP C 240 -11.39 30.03 -36.77
N THR C 241 -12.50 30.34 -36.12
CA THR C 241 -12.83 31.73 -35.83
C THR C 241 -12.05 32.26 -34.62
N VAL C 242 -11.94 31.45 -33.58
CA VAL C 242 -11.23 31.85 -32.37
C VAL C 242 -9.90 31.11 -32.20
N LYS C 243 -8.87 31.86 -31.81
CA LYS C 243 -7.54 31.30 -31.62
C LYS C 243 -7.45 30.62 -30.24
N ILE C 244 -7.29 29.30 -30.25
CA ILE C 244 -7.21 28.54 -29.01
C ILE C 244 -5.82 27.94 -28.79
N GLU C 245 -5.28 28.14 -27.60
CA GLU C 245 -3.97 27.61 -27.24
C GLU C 245 -4.08 26.14 -26.85
N VAL C 246 -3.08 25.35 -27.23
CA VAL C 246 -3.06 23.93 -26.93
C VAL C 246 -1.74 23.55 -26.26
N LEU D 2 -21.00 18.73 -1.80
CA LEU D 2 -20.35 18.79 -3.13
C LEU D 2 -20.59 17.48 -3.89
N PRO D 3 -21.19 17.55 -5.08
CA PRO D 3 -21.45 16.36 -5.88
C PRO D 3 -20.19 15.52 -6.13
N THR D 4 -20.33 14.21 -6.04
CA THR D 4 -19.21 13.30 -6.28
C THR D 4 -18.99 13.14 -7.77
N ILE D 5 -17.73 13.27 -8.20
CA ILE D 5 -17.39 13.10 -9.60
C ILE D 5 -16.80 11.72 -9.77
N TYR D 6 -17.45 10.89 -10.58
CA TYR D 6 -16.98 9.55 -10.84
C TYR D 6 -16.14 9.51 -12.10
N ALA D 7 -14.94 8.96 -12.01
CA ALA D 7 -14.07 8.86 -13.17
C ALA D 7 -13.94 7.40 -13.59
N ILE D 8 -14.44 7.08 -14.78
CA ILE D 8 -14.35 5.72 -15.26
C ILE D 8 -13.13 5.64 -16.15
N THR D 9 -12.15 4.85 -15.71
CA THR D 9 -10.90 4.69 -16.43
C THR D 9 -10.58 3.28 -16.86
N PRO D 10 -10.56 3.03 -18.18
CA PRO D 10 -10.24 1.69 -18.67
C PRO D 10 -8.71 1.62 -18.72
N THR D 11 -8.15 0.43 -18.58
CA THR D 11 -6.69 0.31 -18.61
C THR D 11 -6.34 -1.11 -19.00
N TYR D 12 -5.08 -1.32 -19.38
CA TYR D 12 -4.66 -2.66 -19.76
C TYR D 12 -3.17 -2.82 -19.55
N SER D 13 -2.72 -4.05 -19.34
CA SER D 13 -1.31 -4.31 -19.10
C SER D 13 -0.39 -4.06 -20.28
N ARG D 14 0.56 -3.18 -20.05
CA ARG D 14 1.57 -2.79 -21.04
C ARG D 14 2.67 -2.15 -20.22
N PRO D 15 3.91 -2.17 -20.72
CA PRO D 15 5.02 -1.58 -19.97
C PRO D 15 4.83 -0.18 -19.37
N VAL D 16 4.17 0.72 -20.09
CA VAL D 16 3.98 2.07 -19.58
C VAL D 16 2.76 2.23 -18.68
N GLN D 17 2.03 1.15 -18.45
CA GLN D 17 0.84 1.23 -17.62
C GLN D 17 0.98 1.86 -16.24
N LYS D 18 1.90 1.35 -15.43
CA LYS D 18 2.04 1.89 -14.07
C LYS D 18 2.45 3.36 -14.05
N ALA D 19 3.30 3.79 -14.99
CA ALA D 19 3.69 5.19 -15.02
C ALA D 19 2.47 6.04 -15.34
N GLU D 20 1.64 5.58 -16.28
CA GLU D 20 0.44 6.33 -16.66
C GLU D 20 -0.52 6.46 -15.47
N LEU D 21 -0.77 5.35 -14.79
CA LEU D 21 -1.66 5.38 -13.64
C LEU D 21 -1.07 6.30 -12.57
N THR D 22 0.24 6.24 -12.38
CA THR D 22 0.89 7.08 -11.38
C THR D 22 0.63 8.58 -11.60
N ARG D 23 1.01 9.13 -12.75
CA ARG D 23 0.78 10.56 -12.95
C ARG D 23 -0.70 10.93 -13.04
N LEU D 24 -1.55 10.03 -13.52
CA LEU D 24 -2.98 10.33 -13.58
C LEU D 24 -3.48 10.45 -12.14
N ALA D 25 -3.13 9.48 -11.30
CA ALA D 25 -3.52 9.48 -9.91
C ALA D 25 -3.03 10.75 -9.23
N ASN D 26 -1.81 11.16 -9.57
CA ASN D 26 -1.24 12.37 -8.98
C ASN D 26 -2.12 13.59 -9.24
N THR D 27 -2.90 13.54 -10.31
CA THR D 27 -3.80 14.63 -10.66
C THR D 27 -5.12 14.48 -9.90
N PHE D 28 -5.72 13.31 -10.04
CA PHE D 28 -6.99 12.98 -9.40
C PHE D 28 -6.97 13.11 -7.88
N ARG D 29 -5.82 12.85 -7.28
CA ARG D 29 -5.70 12.88 -5.84
C ARG D 29 -5.94 14.27 -5.26
N GLN D 30 -5.83 15.30 -6.09
CA GLN D 30 -6.03 16.68 -5.67
C GLN D 30 -7.47 17.17 -5.90
N VAL D 31 -8.29 16.31 -6.50
CA VAL D 31 -9.68 16.66 -6.79
C VAL D 31 -10.62 16.23 -5.66
N ALA D 32 -11.34 17.19 -5.10
CA ALA D 32 -12.27 16.91 -4.01
C ALA D 32 -13.42 16.02 -4.47
N GLN D 33 -13.84 15.12 -3.59
CA GLN D 33 -14.95 14.22 -3.84
C GLN D 33 -14.91 13.56 -5.20
N LEU D 34 -13.80 12.88 -5.49
CA LEU D 34 -13.66 12.18 -6.76
C LEU D 34 -13.52 10.70 -6.49
N HIS D 35 -14.33 9.90 -7.17
CA HIS D 35 -14.25 8.45 -6.99
C HIS D 35 -13.76 7.87 -8.30
N TRP D 36 -12.64 7.16 -8.22
CA TRP D 36 -12.00 6.55 -9.38
C TRP D 36 -12.44 5.11 -9.62
N ILE D 37 -13.05 4.87 -10.77
CA ILE D 37 -13.49 3.52 -11.13
C ILE D 37 -12.51 3.06 -12.21
N LEU D 38 -11.49 2.32 -11.78
CA LEU D 38 -10.46 1.82 -12.68
C LEU D 38 -10.84 0.42 -13.15
N VAL D 39 -10.97 0.27 -14.46
CA VAL D 39 -11.39 -1.01 -15.04
C VAL D 39 -10.32 -1.63 -15.94
N GLU D 40 -9.84 -2.81 -15.55
CA GLU D 40 -8.82 -3.52 -16.32
C GLU D 40 -9.38 -4.40 -17.43
N ASP D 41 -8.67 -4.42 -18.55
CA ASP D 41 -9.04 -5.27 -19.67
C ASP D 41 -8.30 -6.57 -19.41
N ALA D 42 -8.93 -7.46 -18.66
CA ALA D 42 -8.32 -8.74 -18.31
C ALA D 42 -9.39 -9.65 -17.72
N ALA D 43 -9.10 -10.94 -17.67
CA ALA D 43 -10.04 -11.91 -17.12
C ALA D 43 -9.97 -11.93 -15.60
N ALA D 44 -9.01 -11.20 -15.04
CA ALA D 44 -8.85 -11.13 -13.59
C ALA D 44 -8.09 -9.88 -13.21
N ARG D 45 -8.31 -9.41 -11.99
CA ARG D 45 -7.61 -8.23 -11.53
C ARG D 45 -6.15 -8.61 -11.52
N SER D 46 -5.28 -7.71 -11.98
CA SER D 46 -3.85 -7.99 -11.98
C SER D 46 -3.22 -7.56 -10.67
N GLU D 47 -2.14 -8.21 -10.28
CA GLU D 47 -1.45 -7.85 -9.06
C GLU D 47 -0.90 -6.42 -9.13
N LEU D 48 -0.41 -6.01 -10.30
CA LEU D 48 0.12 -4.66 -10.43
C LEU D 48 -0.91 -3.57 -10.12
N VAL D 49 -2.08 -3.69 -10.71
CA VAL D 49 -3.11 -2.68 -10.48
C VAL D 49 -3.69 -2.79 -9.06
N SER D 50 -3.74 -4.01 -8.51
CA SER D 50 -4.25 -4.19 -7.15
C SER D 50 -3.31 -3.46 -6.18
N ARG D 51 -2.00 -3.64 -6.38
CA ARG D 51 -1.01 -2.98 -5.54
C ARG D 51 -1.10 -1.48 -5.70
N PHE D 52 -1.18 -1.04 -6.95
CA PHE D 52 -1.26 0.39 -7.22
C PHE D 52 -2.43 1.07 -6.50
N LEU D 53 -3.64 0.55 -6.67
CA LEU D 53 -4.81 1.15 -6.01
C LEU D 53 -4.71 1.11 -4.47
N ALA D 54 -4.18 0.02 -3.95
CA ALA D 54 -4.04 -0.12 -2.50
C ALA D 54 -3.11 0.97 -1.93
N ARG D 55 -2.19 1.44 -2.77
CA ARG D 55 -1.22 2.46 -2.38
C ARG D 55 -1.52 3.87 -2.90
N ALA D 56 -2.43 3.97 -3.86
CA ALA D 56 -2.77 5.26 -4.48
C ALA D 56 -3.26 6.36 -3.53
N GLY D 57 -3.89 5.98 -2.43
CA GLY D 57 -4.37 6.97 -1.48
C GLY D 57 -5.53 7.81 -1.99
N LEU D 58 -6.54 7.16 -2.54
CA LEU D 58 -7.73 7.85 -3.04
C LEU D 58 -8.84 6.83 -3.23
N PRO D 59 -10.09 7.22 -2.94
CA PRO D 59 -11.21 6.29 -3.12
C PRO D 59 -11.31 5.75 -4.53
N SER D 60 -11.49 4.44 -4.64
CA SER D 60 -11.58 3.80 -5.95
C SER D 60 -12.32 2.47 -5.92
N THR D 61 -12.70 2.02 -7.11
CA THR D 61 -13.37 0.75 -7.28
C THR D 61 -12.56 0.03 -8.34
N HIS D 62 -12.09 -1.17 -8.00
CA HIS D 62 -11.27 -1.98 -8.89
C HIS D 62 -12.12 -3.03 -9.61
N LEU D 63 -12.36 -2.80 -10.90
CA LEU D 63 -13.14 -3.71 -11.74
C LEU D 63 -12.30 -4.31 -12.86
N HIS D 64 -12.83 -5.34 -13.50
CA HIS D 64 -12.14 -5.98 -14.62
C HIS D 64 -13.14 -6.71 -15.51
N VAL D 65 -12.84 -6.75 -16.80
CA VAL D 65 -13.68 -7.42 -17.79
C VAL D 65 -12.84 -7.42 -19.07
N PRO D 66 -12.66 -8.60 -19.67
CA PRO D 66 -11.87 -8.75 -20.89
C PRO D 66 -12.58 -8.36 -22.18
N THR D 67 -11.81 -7.81 -23.12
CA THR D 67 -12.34 -7.44 -24.41
C THR D 67 -12.05 -8.68 -25.27
N PRO D 68 -13.11 -9.35 -25.75
CA PRO D 68 -12.94 -10.55 -26.59
C PRO D 68 -11.95 -10.35 -27.73
N ARG D 69 -11.23 -11.40 -28.10
CA ARG D 69 -10.25 -11.34 -29.18
C ARG D 69 -10.80 -10.54 -30.36
N ARG D 70 -10.39 -9.28 -30.45
CA ARG D 70 -10.83 -8.38 -31.52
C ARG D 70 -10.28 -6.97 -31.30
N GLY D 75 -7.77 -1.89 -36.22
CA GLY D 75 -8.33 -0.55 -36.09
C GLY D 75 -9.68 -0.56 -35.39
N LEU D 76 -9.73 -1.21 -34.23
CA LEU D 76 -10.95 -1.31 -33.44
C LEU D 76 -10.71 -0.80 -32.02
N PRO D 77 -11.67 -0.04 -31.47
CA PRO D 77 -11.58 0.51 -30.11
C PRO D 77 -11.21 -0.53 -29.07
N ARG D 78 -10.52 -0.10 -28.01
CA ARG D 78 -10.11 -1.00 -26.94
C ARG D 78 -10.52 -0.49 -25.57
N ALA D 79 -11.83 -0.46 -25.29
CA ALA D 79 -12.31 0.00 -23.99
C ALA D 79 -13.83 0.00 -23.85
N THR D 80 -14.52 -0.46 -24.89
CA THR D 80 -15.99 -0.50 -24.85
C THR D 80 -16.49 -1.36 -23.69
N GLU D 81 -15.91 -2.54 -23.54
CA GLU D 81 -16.29 -3.47 -22.49
C GLU D 81 -16.01 -2.88 -21.11
N GLN D 82 -14.85 -2.24 -20.97
CA GLN D 82 -14.44 -1.65 -19.70
C GLN D 82 -15.28 -0.47 -19.28
N ARG D 83 -15.61 0.42 -20.21
CA ARG D 83 -16.41 1.57 -19.84
C ARG D 83 -17.80 1.12 -19.40
N ASN D 84 -18.36 0.13 -20.09
CA ASN D 84 -19.68 -0.36 -19.74
C ASN D 84 -19.72 -0.97 -18.34
N ALA D 85 -18.63 -1.62 -17.94
CA ALA D 85 -18.57 -2.22 -16.61
C ALA D 85 -18.70 -1.12 -15.57
N GLY D 86 -18.17 0.07 -15.89
CA GLY D 86 -18.25 1.19 -14.97
C GLY D 86 -19.68 1.72 -14.87
N LEU D 87 -20.38 1.75 -16.00
CA LEU D 87 -21.76 2.21 -15.99
C LEU D 87 -22.60 1.26 -15.16
N ALA D 88 -22.47 -0.03 -15.44
CA ALA D 88 -23.21 -1.06 -14.73
C ALA D 88 -22.92 -1.04 -13.24
N TRP D 89 -21.66 -0.87 -12.86
CA TRP D 89 -21.34 -0.83 -11.45
C TRP D 89 -22.03 0.36 -10.80
N LEU D 90 -22.00 1.49 -11.49
CA LEU D 90 -22.62 2.71 -11.00
C LEU D 90 -24.12 2.54 -10.84
N ARG D 91 -24.76 1.91 -11.83
CA ARG D 91 -26.19 1.68 -11.79
C ARG D 91 -26.52 0.63 -10.74
N GLN D 92 -25.52 -0.16 -10.38
CA GLN D 92 -25.66 -1.21 -9.39
C GLN D 92 -25.52 -0.59 -7.99
N ARG D 93 -24.58 0.33 -7.86
CA ARG D 93 -24.30 1.02 -6.61
C ARG D 93 -25.53 1.75 -6.08
N HIS D 94 -26.28 2.37 -6.98
CA HIS D 94 -27.49 3.09 -6.60
C HIS D 94 -28.74 2.33 -6.98
N GLN D 95 -29.87 2.72 -6.40
CA GLN D 95 -31.14 2.07 -6.68
C GLN D 95 -32.22 3.11 -6.92
N HIS D 96 -33.47 2.66 -7.04
CA HIS D 96 -34.58 3.57 -7.28
C HIS D 96 -34.97 4.36 -6.03
N GLN D 97 -33.97 4.68 -5.20
CA GLN D 97 -34.20 5.43 -3.98
C GLN D 97 -34.53 6.90 -4.26
N ARG D 98 -33.98 7.80 -3.46
CA ARG D 98 -34.27 9.23 -3.64
C ARG D 98 -33.01 10.08 -3.78
N ALA D 99 -31.90 9.62 -3.19
CA ALA D 99 -30.65 10.37 -3.27
C ALA D 99 -29.71 9.81 -4.34
N GLN D 100 -29.37 10.64 -5.32
CA GLN D 100 -28.46 10.23 -6.38
C GLN D 100 -27.72 11.39 -7.05
N PRO D 101 -27.11 12.28 -6.24
CA PRO D 101 -26.38 13.42 -6.80
C PRO D 101 -24.97 13.00 -7.26
N GLY D 102 -24.48 13.63 -8.32
CA GLY D 102 -23.16 13.29 -8.82
C GLY D 102 -23.01 13.39 -10.32
N VAL D 103 -21.77 13.21 -10.79
CA VAL D 103 -21.47 13.29 -12.22
C VAL D 103 -20.32 12.35 -12.56
N LEU D 104 -20.32 11.85 -13.80
CA LEU D 104 -19.25 10.97 -14.24
C LEU D 104 -18.67 11.38 -15.58
N PHE D 105 -17.41 11.04 -15.78
CA PHE D 105 -16.72 11.31 -17.03
C PHE D 105 -15.80 10.14 -17.34
N PHE D 106 -15.45 9.98 -18.60
CA PHE D 106 -14.60 8.89 -19.04
C PHE D 106 -13.19 9.41 -19.27
N ALA D 107 -12.25 8.93 -18.46
CA ALA D 107 -10.87 9.36 -18.56
C ALA D 107 -9.91 8.21 -18.85
N ASP D 108 -9.41 8.13 -20.09
CA ASP D 108 -8.47 7.07 -20.43
C ASP D 108 -7.22 7.26 -19.55
N ASP D 109 -6.50 6.19 -19.28
CA ASP D 109 -5.32 6.26 -18.42
C ASP D 109 -4.14 7.03 -19.00
N ASP D 110 -4.27 7.52 -20.23
CA ASP D 110 -3.18 8.24 -20.89
C ASP D 110 -3.45 9.73 -21.13
N ASN D 111 -4.68 10.18 -20.92
CA ASN D 111 -5.04 11.57 -21.14
C ASN D 111 -4.49 12.52 -20.07
N THR D 112 -4.20 13.75 -20.47
CA THR D 112 -3.69 14.74 -19.53
C THR D 112 -4.82 15.69 -19.15
N TYR D 113 -5.05 15.81 -17.85
CA TYR D 113 -6.12 16.66 -17.35
C TYR D 113 -5.67 17.87 -16.57
N SER D 114 -6.33 19.00 -16.84
CA SER D 114 -6.07 20.23 -16.12
C SER D 114 -7.03 20.17 -14.95
N LEU D 115 -6.61 20.62 -13.78
CA LEU D 115 -7.46 20.60 -12.60
C LEU D 115 -8.69 21.49 -12.78
N GLU D 116 -8.57 22.51 -13.61
CA GLU D 116 -9.67 23.44 -13.87
C GLU D 116 -10.85 22.73 -14.52
N LEU D 117 -10.59 21.65 -15.23
CA LEU D 117 -11.63 20.91 -15.95
C LEU D 117 -12.61 20.17 -15.04
N PHE D 118 -12.27 20.01 -13.77
CA PHE D 118 -13.15 19.30 -12.85
C PHE D 118 -14.20 20.22 -12.23
N GLN D 119 -13.90 21.51 -12.14
CA GLN D 119 -14.84 22.45 -11.58
C GLN D 119 -15.91 22.71 -12.63
N GLU D 120 -15.54 22.53 -13.90
CA GLU D 120 -16.45 22.73 -15.02
C GLU D 120 -17.51 21.64 -15.11
N MET D 121 -17.10 20.39 -14.93
CA MET D 121 -18.04 19.29 -15.01
C MET D 121 -18.80 19.08 -13.70
N ARG D 122 -18.25 19.63 -12.62
CA ARG D 122 -18.87 19.51 -11.31
C ARG D 122 -20.34 19.90 -11.37
N THR D 123 -20.61 20.99 -12.08
CA THR D 123 -21.97 21.51 -12.22
C THR D 123 -22.64 21.03 -13.51
N THR D 124 -22.82 19.71 -13.64
CA THR D 124 -23.45 19.16 -14.83
C THR D 124 -24.85 18.64 -14.48
N ARG D 125 -25.86 19.18 -15.14
CA ARG D 125 -27.25 18.76 -14.89
C ARG D 125 -27.64 17.61 -15.82
N LYS D 126 -27.29 17.74 -17.09
CA LYS D 126 -27.58 16.72 -18.08
C LYS D 126 -26.26 16.22 -18.65
N VAL D 127 -25.79 16.87 -19.71
CA VAL D 127 -24.54 16.50 -20.36
C VAL D 127 -23.69 17.75 -20.62
N SER D 128 -22.43 17.69 -20.22
CA SER D 128 -21.49 18.79 -20.42
C SER D 128 -20.52 18.47 -21.54
N VAL D 129 -20.04 19.50 -22.23
CA VAL D 129 -19.09 19.31 -23.32
C VAL D 129 -18.01 20.38 -23.25
N TRP D 130 -16.85 20.08 -23.80
CA TRP D 130 -15.74 21.02 -23.79
C TRP D 130 -14.70 20.64 -24.84
N PRO D 131 -13.74 21.55 -25.11
CA PRO D 131 -12.68 21.33 -26.08
C PRO D 131 -11.72 20.21 -25.67
N VAL D 132 -11.18 19.49 -26.65
CA VAL D 132 -10.22 18.39 -26.40
C VAL D 132 -9.00 18.58 -27.29
N GLY D 133 -7.85 18.81 -26.68
CA GLY D 133 -6.64 19.02 -27.45
C GLY D 133 -5.97 17.78 -28.02
N LEU D 134 -5.28 17.96 -29.14
CA LEU D 134 -4.55 16.89 -29.81
C LEU D 134 -5.40 15.67 -30.14
N VAL D 135 -6.47 15.88 -30.90
CA VAL D 135 -7.36 14.78 -31.26
C VAL D 135 -8.01 14.99 -32.63
N GLY D 136 -8.33 13.88 -33.30
CA GLY D 136 -8.95 13.95 -34.61
C GLY D 136 -8.02 14.46 -35.69
N GLY D 137 -6.72 14.27 -35.49
CA GLY D 137 -5.76 14.73 -36.47
C GLY D 137 -5.55 16.23 -36.41
N ARG D 138 -6.21 16.88 -35.46
CA ARG D 138 -6.09 18.32 -35.32
C ARG D 138 -5.45 18.71 -34.01
N ARG D 139 -5.15 20.00 -33.88
CA ARG D 139 -4.54 20.54 -32.67
C ARG D 139 -5.55 20.48 -31.53
N TYR D 140 -6.82 20.37 -31.89
CA TYR D 140 -7.89 20.32 -30.91
C TYR D 140 -9.25 20.02 -31.54
N GLU D 141 -10.27 20.01 -30.70
CA GLU D 141 -11.65 19.76 -31.14
C GLU D 141 -12.57 20.38 -30.11
N ARG D 142 -13.54 21.17 -30.57
CA ARG D 142 -14.47 21.80 -29.66
C ARG D 142 -15.75 22.25 -30.33
N PRO D 143 -16.90 21.97 -29.69
CA PRO D 143 -18.22 22.34 -30.19
C PRO D 143 -18.37 23.85 -30.37
N LEU D 144 -19.26 24.25 -31.26
CA LEU D 144 -19.49 25.67 -31.51
C LEU D 144 -20.60 26.15 -30.59
N VAL D 145 -20.23 27.01 -29.65
CA VAL D 145 -21.16 27.57 -28.68
C VAL D 145 -21.71 28.91 -29.16
N GLU D 146 -22.83 28.86 -29.87
CA GLU D 146 -23.43 30.08 -30.37
C GLU D 146 -24.55 30.54 -29.46
N ASN D 147 -24.26 31.58 -28.68
CA ASN D 147 -25.23 32.15 -27.75
C ASN D 147 -25.58 31.20 -26.62
N GLY D 148 -24.57 30.50 -26.10
CA GLY D 148 -24.80 29.56 -25.01
C GLY D 148 -25.33 28.20 -25.41
N LYS D 149 -25.40 27.94 -26.70
CA LYS D 149 -25.89 26.65 -27.18
C LYS D 149 -24.97 26.04 -28.22
N VAL D 150 -24.93 24.72 -28.26
CA VAL D 150 -24.08 24.01 -29.21
C VAL D 150 -24.82 23.86 -30.54
N VAL D 151 -24.22 24.39 -31.60
CA VAL D 151 -24.82 24.33 -32.93
C VAL D 151 -23.77 23.99 -33.98
N GLY D 152 -22.60 23.56 -33.52
CA GLY D 152 -21.53 23.22 -34.45
C GLY D 152 -20.52 22.29 -33.81
N TRP D 153 -19.77 21.57 -34.65
CA TRP D 153 -18.75 20.66 -34.16
C TRP D 153 -17.48 20.77 -34.98
N TYR D 154 -16.45 21.35 -34.36
CA TYR D 154 -15.16 21.52 -35.00
C TYR D 154 -14.35 20.24 -34.78
N THR D 155 -14.46 19.31 -35.74
CA THR D 155 -13.76 18.04 -35.66
C THR D 155 -13.21 17.64 -37.02
N GLY D 156 -12.19 16.78 -37.01
CA GLY D 156 -11.60 16.33 -38.26
C GLY D 156 -11.94 14.89 -38.54
N TRP D 157 -12.97 14.39 -37.87
CA TRP D 157 -13.40 13.01 -38.05
C TRP D 157 -14.92 12.88 -38.04
N ARG D 158 -15.50 12.74 -39.23
CA ARG D 158 -16.95 12.61 -39.37
C ARG D 158 -17.72 13.58 -38.49
N ALA D 159 -17.68 14.86 -38.86
CA ALA D 159 -18.38 15.90 -38.10
C ALA D 159 -19.87 15.87 -38.38
N ASP D 160 -20.32 14.84 -39.07
CA ASP D 160 -21.73 14.70 -39.41
C ASP D 160 -22.54 14.08 -38.28
N ARG D 161 -21.98 13.07 -37.62
CA ARG D 161 -22.66 12.38 -36.53
C ARG D 161 -23.29 13.39 -35.56
N PRO D 162 -24.49 13.08 -35.05
CA PRO D 162 -25.23 13.94 -34.12
C PRO D 162 -24.33 14.62 -33.10
N PHE D 163 -23.51 13.84 -32.41
CA PHE D 163 -22.59 14.38 -31.42
C PHE D 163 -21.16 14.07 -31.85
N ALA D 164 -20.54 15.04 -32.52
CA ALA D 164 -19.17 14.87 -32.99
C ALA D 164 -18.16 15.32 -31.93
N ILE D 165 -18.04 14.52 -30.87
CA ILE D 165 -17.13 14.87 -29.79
C ILE D 165 -16.38 13.64 -29.28
N ASP D 166 -15.18 13.86 -28.76
CA ASP D 166 -14.34 12.78 -28.25
C ASP D 166 -14.82 12.27 -26.89
N MET D 167 -14.46 11.02 -26.58
CA MET D 167 -14.85 10.40 -25.32
C MET D 167 -14.41 11.25 -24.13
N ALA D 168 -13.27 11.90 -24.27
CA ALA D 168 -12.73 12.73 -23.20
C ALA D 168 -13.29 14.15 -23.19
N GLY D 169 -14.25 14.43 -24.07
CA GLY D 169 -14.82 15.77 -24.12
C GLY D 169 -16.14 16.04 -23.44
N PHE D 170 -16.73 15.05 -22.77
CA PHE D 170 -18.01 15.28 -22.10
C PHE D 170 -18.15 14.60 -20.75
N ALA D 171 -19.20 14.97 -20.03
CA ALA D 171 -19.51 14.42 -18.72
C ALA D 171 -21.03 14.28 -18.63
N VAL D 172 -21.48 13.26 -17.90
CA VAL D 172 -22.92 13.04 -17.75
C VAL D 172 -23.29 12.97 -16.27
N SER D 173 -24.41 13.60 -15.92
CA SER D 173 -24.86 13.59 -14.54
C SER D 173 -25.22 12.15 -14.15
N LEU D 174 -25.07 11.81 -12.89
CA LEU D 174 -25.38 10.46 -12.42
C LEU D 174 -26.87 10.16 -12.59
N GLN D 175 -27.70 11.18 -12.40
CA GLN D 175 -29.15 11.03 -12.53
C GLN D 175 -29.53 10.57 -13.93
N VAL D 176 -28.95 11.20 -14.94
CA VAL D 176 -29.23 10.86 -16.34
C VAL D 176 -28.86 9.40 -16.63
N ILE D 177 -27.73 8.96 -16.07
CA ILE D 177 -27.26 7.60 -16.28
C ILE D 177 -28.21 6.58 -15.65
N LEU D 178 -28.73 6.93 -14.48
CA LEU D 178 -29.65 6.05 -13.77
C LEU D 178 -31.04 6.02 -14.41
N SER D 179 -31.52 7.17 -14.87
CA SER D 179 -32.82 7.28 -15.51
C SER D 179 -32.84 6.67 -16.91
N ASN D 180 -31.65 6.34 -17.41
CA ASN D 180 -31.52 5.75 -18.74
C ASN D 180 -30.66 4.50 -18.63
N PRO D 181 -31.17 3.47 -17.95
CA PRO D 181 -30.47 2.20 -17.73
C PRO D 181 -30.03 1.46 -18.99
N LYS D 182 -30.67 1.75 -20.13
CA LYS D 182 -30.33 1.08 -21.38
C LYS D 182 -29.22 1.79 -22.16
N ALA D 183 -28.93 3.03 -21.78
CA ALA D 183 -27.89 3.80 -22.45
C ALA D 183 -26.52 3.19 -22.18
N VAL D 184 -26.02 2.44 -23.16
CA VAL D 184 -24.73 1.78 -23.03
C VAL D 184 -23.94 1.95 -24.33
N PHE D 185 -22.63 1.72 -24.28
CA PHE D 185 -21.80 1.85 -25.49
C PHE D 185 -21.92 0.58 -26.34
N LYS D 186 -22.26 0.75 -27.61
CA LYS D 186 -22.40 -0.38 -28.53
C LYS D 186 -21.13 -0.53 -29.35
N ARG D 187 -20.58 -1.73 -29.37
CA ARG D 187 -19.35 -2.00 -30.12
C ARG D 187 -19.64 -2.33 -31.59
N ARG D 188 -20.80 -2.94 -31.82
CA ARG D 188 -21.19 -3.31 -33.18
C ARG D 188 -21.53 -2.09 -34.02
N GLY D 189 -21.16 -0.92 -33.53
CA GLY D 189 -21.43 0.31 -34.26
C GLY D 189 -20.85 0.26 -35.66
N SER D 190 -21.60 0.78 -36.63
CA SER D 190 -21.15 0.80 -38.02
C SER D 190 -19.83 1.55 -38.16
N GLN D 191 -19.88 2.87 -37.99
CA GLN D 191 -18.70 3.71 -38.10
C GLN D 191 -17.74 3.39 -36.96
N PRO D 192 -16.43 3.29 -37.27
CA PRO D 192 -15.42 2.99 -36.26
C PRO D 192 -15.51 3.92 -35.04
N GLY D 193 -15.48 5.23 -35.29
CA GLY D 193 -15.56 6.19 -34.21
C GLY D 193 -16.90 6.88 -34.16
N MET D 194 -17.90 6.20 -33.60
CA MET D 194 -19.24 6.76 -33.51
C MET D 194 -19.91 6.36 -32.20
N GLN D 195 -19.16 5.66 -31.34
CA GLN D 195 -19.69 5.21 -30.06
C GLN D 195 -20.17 6.37 -29.20
N GLU D 196 -19.44 7.48 -29.23
CA GLU D 196 -19.82 8.66 -28.46
C GLU D 196 -21.21 9.12 -28.89
N SER D 197 -21.40 9.24 -30.20
CA SER D 197 -22.67 9.68 -30.76
C SER D 197 -23.82 8.74 -30.39
N ASP D 198 -23.67 7.47 -30.75
CA ASP D 198 -24.67 6.45 -30.46
C ASP D 198 -25.08 6.44 -29.00
N PHE D 199 -24.14 6.76 -28.12
CA PHE D 199 -24.39 6.79 -26.67
C PHE D 199 -25.14 8.06 -26.30
N LEU D 200 -24.53 9.20 -26.59
CA LEU D 200 -25.11 10.50 -26.27
C LEU D 200 -26.47 10.70 -26.93
N LYS D 201 -26.69 10.03 -28.06
CA LYS D 201 -27.95 10.13 -28.78
C LYS D 201 -29.10 9.71 -27.86
N GLN D 202 -28.89 8.60 -27.14
CA GLN D 202 -29.88 8.07 -26.22
C GLN D 202 -29.95 8.92 -24.95
N ILE D 203 -28.81 9.45 -24.53
CA ILE D 203 -28.73 10.27 -23.32
C ILE D 203 -29.61 11.52 -23.40
N THR D 204 -29.22 12.48 -24.24
CA THR D 204 -29.96 13.72 -24.39
C THR D 204 -29.94 14.25 -25.83
N THR D 205 -30.12 15.57 -25.97
CA THR D 205 -30.12 16.21 -27.28
C THR D 205 -29.08 17.34 -27.30
N VAL D 206 -28.64 17.71 -28.51
CA VAL D 206 -27.64 18.76 -28.64
C VAL D 206 -28.07 20.06 -27.97
N GLU D 207 -29.35 20.41 -28.09
CA GLU D 207 -29.87 21.63 -27.50
C GLU D 207 -29.78 21.62 -25.97
N GLU D 208 -29.60 20.44 -25.41
CA GLU D 208 -29.50 20.29 -23.96
C GLU D 208 -28.06 20.29 -23.45
N LEU D 209 -27.10 20.18 -24.37
CA LEU D 209 -25.69 20.17 -24.01
C LEU D 209 -25.26 21.46 -23.30
N GLU D 210 -24.51 21.30 -22.21
CA GLU D 210 -24.03 22.43 -21.41
C GLU D 210 -22.57 22.75 -21.72
N PRO D 211 -22.32 23.74 -22.60
CA PRO D 211 -20.96 24.13 -22.98
C PRO D 211 -20.11 24.57 -21.79
N LYS D 212 -18.90 24.03 -21.72
CA LYS D 212 -17.98 24.37 -20.63
C LYS D 212 -16.70 25.01 -21.17
N ALA D 213 -15.78 25.32 -20.27
CA ALA D 213 -14.51 25.93 -20.65
C ALA D 213 -14.73 27.21 -21.47
N ASN D 214 -15.32 28.22 -20.85
CA ASN D 214 -15.59 29.50 -21.51
C ASN D 214 -16.25 29.33 -22.87
N ASN D 215 -17.37 28.62 -22.89
CA ASN D 215 -18.10 28.39 -24.13
C ASN D 215 -17.26 27.66 -25.18
N CYS D 216 -16.55 26.64 -24.72
CA CYS D 216 -15.71 25.85 -25.60
C CYS D 216 -14.64 26.67 -26.32
N THR D 217 -13.95 27.52 -25.57
CA THR D 217 -12.88 28.33 -26.16
C THR D 217 -11.54 28.00 -25.50
N LYS D 218 -11.56 27.11 -24.51
CA LYS D 218 -10.34 26.70 -23.81
C LYS D 218 -10.14 25.20 -23.85
N VAL D 219 -8.88 24.77 -23.95
CA VAL D 219 -8.55 23.35 -23.98
C VAL D 219 -7.98 23.02 -22.60
N LEU D 220 -8.73 22.25 -21.83
CA LEU D 220 -8.33 21.86 -20.48
C LEU D 220 -8.07 20.37 -20.37
N VAL D 221 -8.05 19.69 -21.51
CA VAL D 221 -7.80 18.26 -21.54
C VAL D 221 -7.13 17.92 -22.87
N TRP D 222 -6.15 17.01 -22.82
CA TRP D 222 -5.43 16.61 -24.01
C TRP D 222 -5.38 15.09 -24.17
N HIS D 223 -5.40 14.64 -25.42
CA HIS D 223 -5.38 13.21 -25.74
C HIS D 223 -3.95 12.75 -25.99
N THR D 224 -3.11 12.80 -24.97
CA THR D 224 -1.71 12.38 -25.06
C THR D 224 -1.53 10.87 -25.12
N ARG D 225 -0.81 10.40 -26.15
CA ARG D 225 -0.55 8.97 -26.33
C ARG D 225 0.95 8.73 -26.20
N THR D 226 1.32 7.87 -25.25
CA THR D 226 2.72 7.56 -25.00
C THR D 226 3.34 6.62 -26.02
N GLU D 227 4.54 6.97 -26.48
CA GLU D 227 5.26 6.14 -27.44
C GLU D 227 5.48 4.75 -26.89
N LYS D 228 5.44 3.76 -27.78
CA LYS D 228 5.66 2.38 -27.39
C LYS D 228 7.05 2.27 -26.80
N VAL D 229 7.17 1.52 -25.71
CA VAL D 229 8.46 1.35 -25.04
C VAL D 229 9.43 0.44 -25.79
N ASN D 230 10.68 0.90 -25.91
CA ASN D 230 11.73 0.13 -26.58
C ASN D 230 12.29 -0.88 -25.58
N LEU D 231 12.11 -2.17 -25.86
CA LEU D 231 12.61 -3.22 -25.00
C LEU D 231 13.63 -4.11 -25.71
N ALA D 232 14.24 -3.59 -26.77
CA ALA D 232 15.22 -4.33 -27.57
C ALA D 232 16.40 -4.86 -26.75
N ASN D 233 16.76 -4.13 -25.70
CA ASN D 233 17.89 -4.53 -24.86
C ASN D 233 17.50 -5.21 -23.55
N GLU D 234 16.24 -5.58 -23.42
CA GLU D 234 15.72 -6.25 -22.22
C GLU D 234 16.26 -7.68 -22.09
N PRO D 235 16.94 -7.99 -20.96
CA PRO D 235 17.50 -9.33 -20.75
C PRO D 235 16.45 -10.43 -20.79
N LYS D 236 16.87 -11.62 -21.22
CA LYS D 236 15.98 -12.76 -21.30
C LYS D 236 16.55 -13.94 -20.51
N TYR D 237 17.86 -14.14 -20.56
CA TYR D 237 18.46 -15.25 -19.85
C TYR D 237 19.29 -14.87 -18.62
N HIS D 238 20.34 -14.08 -18.80
CA HIS D 238 21.14 -13.66 -17.64
C HIS D 238 20.43 -12.47 -17.00
N LEU D 239 19.39 -12.77 -16.24
CA LEU D 239 18.55 -11.77 -15.60
C LEU D 239 19.15 -11.06 -14.39
N ASP D 240 18.50 -9.97 -13.96
CA ASP D 240 18.93 -9.20 -12.80
C ASP D 240 18.63 -10.13 -11.62
N THR D 241 19.37 -10.00 -10.54
CA THR D 241 19.17 -10.85 -9.37
C THR D 241 17.92 -10.51 -8.57
N VAL D 242 17.30 -9.37 -8.89
CA VAL D 242 16.11 -8.93 -8.19
C VAL D 242 14.95 -8.72 -9.15
N LYS D 243 13.74 -8.96 -8.68
CA LYS D 243 12.54 -8.79 -9.49
C LYS D 243 12.00 -7.41 -9.19
N ILE D 244 11.83 -6.59 -10.24
CA ILE D 244 11.34 -5.23 -10.05
C ILE D 244 10.13 -4.89 -10.90
N GLU D 245 9.08 -4.39 -10.25
CA GLU D 245 7.86 -4.00 -10.94
C GLU D 245 8.06 -2.59 -11.52
N VAL D 246 7.65 -2.44 -12.77
CA VAL D 246 7.78 -1.17 -13.48
C VAL D 246 6.42 -0.73 -14.04
#